data_7XG6
#
_entry.id   7XG6
#
_cell.length_a   105.764
_cell.length_b   136.299
_cell.length_c   116.565
_cell.angle_alpha   90.000
_cell.angle_beta   90.000
_cell.angle_gamma   90.000
#
_symmetry.space_group_name_H-M   'C 2 2 21'
#
loop_
_entity.id
_entity.type
_entity.pdbx_description
1 polymer omega-transaminase
2 water water
#
_entity_poly.entity_id   1
_entity_poly.type   'polypeptide(L)'
_entity_poly.pdbx_seq_one_letter_code
;MASMDKVFAGYAARQAILESTETTNPFAKGIAWVEGELVPLAEARIPLLDQGFMRSDLTYDVPSVWDGRFFRLDDHITRL
EASCTKLRLRLPLPRDQVKQILVEMVAKSGIRDAHVCLIVTRGLKGVRGTRPEDIVNNLYMFVQPYVWVMEPDMQRVGGS
AVVARTVRRVPPGAIDPTV(LLP)NLQWGDLVRGMFEAADRGATYPFLTDGDAHLTEGSGFNIVLVKDGVLYTPDRGVLQ
GVTRKSVINAAEAFGIEVRVEFVPVELAYRCDEIFMCTTAGGIMPITTLDGMPVNGGQIGPITKKIWDGYWAMHYDAAYS
FEIDYN
;
_entity_poly.pdbx_strand_id   A,B
#
# COMPACT_ATOMS: atom_id res chain seq x y z
N ALA A 2 38.96 -7.16 -3.56
CA ALA A 2 39.67 -7.11 -2.31
C ALA A 2 38.89 -7.68 -1.13
N SER A 3 37.75 -7.08 -0.76
CA SER A 3 37.19 -7.35 0.58
C SER A 3 36.12 -8.44 0.59
N MET A 4 35.65 -8.95 -0.57
CA MET A 4 34.50 -9.84 -0.49
C MET A 4 34.79 -11.07 0.35
N ASP A 5 35.98 -11.68 0.18
CA ASP A 5 36.23 -12.91 0.91
C ASP A 5 36.14 -12.69 2.42
N LYS A 6 36.77 -11.63 2.93
CA LYS A 6 36.77 -11.43 4.37
C LYS A 6 35.40 -11.01 4.87
N VAL A 7 34.71 -10.10 4.15
CA VAL A 7 33.40 -9.66 4.61
C VAL A 7 32.45 -10.86 4.68
N PHE A 8 32.43 -11.68 3.63
CA PHE A 8 31.50 -12.81 3.62
C PHE A 8 31.91 -13.92 4.58
N ALA A 9 33.22 -14.16 4.77
CA ALA A 9 33.64 -15.21 5.69
C ALA A 9 33.32 -14.81 7.12
N GLY A 10 33.50 -13.53 7.46
CA GLY A 10 33.09 -13.08 8.80
C GLY A 10 31.61 -13.27 9.05
N TYR A 11 30.79 -12.84 8.07
CA TYR A 11 29.35 -13.03 8.18
C TYR A 11 29.02 -14.51 8.35
N ALA A 12 29.65 -15.38 7.53
CA ALA A 12 29.34 -16.81 7.64
C ALA A 12 29.64 -17.34 9.03
N ALA A 13 30.76 -16.90 9.63
CA ALA A 13 31.11 -17.39 10.97
C ALA A 13 30.12 -16.90 12.00
N ARG A 14 29.74 -15.61 11.93
CA ARG A 14 28.77 -15.09 12.89
C ARG A 14 27.42 -15.72 12.70
N GLN A 15 27.06 -15.98 11.44
CA GLN A 15 25.77 -16.60 11.16
C GLN A 15 25.70 -18.02 11.69
N ALA A 16 26.82 -18.76 11.61
CA ALA A 16 26.86 -20.11 12.14
C ALA A 16 26.64 -20.09 13.65
N ILE A 17 27.25 -19.14 14.35
CA ILE A 17 26.98 -19.02 15.80
C ILE A 17 25.51 -18.73 16.04
N LEU A 18 24.94 -17.75 15.32
CA LEU A 18 23.56 -17.38 15.56
C LEU A 18 22.63 -18.58 15.34
N GLU A 19 22.82 -19.28 14.22
CA GLU A 19 21.95 -20.40 13.90
C GLU A 19 22.08 -21.52 14.93
N SER A 20 23.28 -21.71 15.50
CA SER A 20 23.43 -22.77 16.48
C SER A 20 22.60 -22.52 17.73
N THR A 21 22.19 -21.27 17.98
CA THR A 21 21.44 -20.89 19.16
C THR A 21 19.93 -20.90 18.97
N GLU A 22 19.41 -21.25 17.82
CA GLU A 22 17.96 -21.11 17.60
C GLU A 22 17.12 -21.98 18.54
N THR A 23 17.62 -23.13 19.02
CA THR A 23 16.75 -23.87 19.93
C THR A 23 16.81 -23.39 21.38
N THR A 24 17.73 -22.51 21.75
CA THR A 24 17.83 -22.01 23.11
C THR A 24 17.48 -20.55 23.25
N ASN A 25 17.60 -19.76 22.19
CA ASN A 25 17.31 -18.33 22.27
C ASN A 25 16.08 -18.06 21.42
N PRO A 26 14.90 -17.82 22.03
CA PRO A 26 13.68 -17.65 21.25
C PRO A 26 13.66 -16.39 20.41
N PHE A 27 14.66 -15.52 20.55
CA PHE A 27 14.74 -14.28 19.78
C PHE A 27 15.78 -14.37 18.67
N ALA A 28 16.45 -15.52 18.51
CA ALA A 28 17.52 -15.62 17.52
C ALA A 28 16.98 -15.51 16.11
N LYS A 29 15.70 -15.79 15.88
CA LYS A 29 15.09 -15.60 14.56
C LYS A 29 14.43 -14.22 14.43
N GLY A 30 14.61 -13.37 15.41
CA GLY A 30 14.09 -12.01 15.37
C GLY A 30 13.24 -11.67 16.59
N ILE A 31 13.12 -10.38 16.86
CA ILE A 31 12.35 -9.91 18.00
C ILE A 31 11.53 -8.70 17.55
N ALA A 32 10.31 -8.57 18.07
CA ALA A 32 9.45 -7.45 17.71
C ALA A 32 9.00 -6.73 18.96
N TRP A 33 8.68 -5.46 18.77
CA TRP A 33 8.14 -4.58 19.84
C TRP A 33 6.73 -4.19 19.42
N VAL A 34 5.72 -4.69 20.11
CA VAL A 34 4.32 -4.27 19.83
C VAL A 34 3.74 -3.72 21.13
N GLU A 35 3.27 -2.48 21.11
CA GLU A 35 2.57 -1.91 22.30
C GLU A 35 3.47 -2.03 23.55
N GLY A 36 4.78 -1.82 23.42
CA GLY A 36 5.67 -1.82 24.60
C GLY A 36 6.08 -3.22 25.04
N GLU A 37 5.68 -4.24 24.30
CA GLU A 37 6.01 -5.64 24.69
C GLU A 37 6.94 -6.26 23.65
N LEU A 38 7.93 -7.02 24.10
CA LEU A 38 8.85 -7.72 23.21
C LEU A 38 8.41 -9.16 23.03
N VAL A 39 8.38 -9.62 21.78
CA VAL A 39 7.91 -10.97 21.45
C VAL A 39 8.78 -11.53 20.34
N PRO A 40 8.87 -12.84 20.22
CA PRO A 40 9.55 -13.44 19.05
C PRO A 40 8.88 -12.93 17.78
N LEU A 41 9.70 -12.60 16.77
CA LEU A 41 9.17 -11.98 15.55
C LEU A 41 8.02 -12.76 14.93
N ALA A 42 8.13 -14.10 14.84
CA ALA A 42 7.05 -14.86 14.19
C ALA A 42 5.74 -14.79 14.97
N GLU A 43 5.79 -14.47 16.25
CA GLU A 43 4.59 -14.40 17.09
C GLU A 43 3.96 -13.01 17.10
N ALA A 44 4.60 -12.00 16.51
CA ALA A 44 4.10 -10.64 16.58
C ALA A 44 2.82 -10.49 15.78
N ARG A 45 1.85 -9.80 16.38
CA ARG A 45 0.56 -9.57 15.73
C ARG A 45 0.18 -8.12 15.90
N ILE A 46 -0.58 -7.61 14.91
CA ILE A 46 -1.05 -6.22 14.96
C ILE A 46 -2.55 -6.22 14.80
N PRO A 47 -3.23 -5.13 15.20
CA PRO A 47 -4.68 -5.06 14.97
C PRO A 47 -5.02 -5.10 13.49
N LEU A 48 -6.01 -5.92 13.14
CA LEU A 48 -6.49 -6.00 11.78
C LEU A 48 -6.92 -4.62 11.26
N LEU A 49 -7.51 -3.80 12.10
CA LEU A 49 -7.98 -2.49 11.70
C LEU A 49 -6.92 -1.38 11.76
N ASP A 50 -5.67 -1.72 12.09
CA ASP A 50 -4.67 -0.67 11.98
C ASP A 50 -4.66 -0.10 10.54
N GLN A 51 -4.64 1.21 10.42
CA GLN A 51 -4.66 1.86 9.11
C GLN A 51 -3.38 1.60 8.30
N GLY A 52 -2.30 1.14 8.95
CA GLY A 52 -1.14 0.66 8.20
C GLY A 52 -1.48 -0.55 7.36
N PHE A 53 -2.45 -1.37 7.82
CA PHE A 53 -2.96 -2.47 7.03
C PHE A 53 -4.11 -2.01 6.14
N MET A 54 -5.11 -1.30 6.70
CA MET A 54 -6.33 -1.04 5.95
C MET A 54 -6.18 0.02 4.90
N ARG A 55 -5.13 0.82 4.95
CA ARG A 55 -4.86 1.83 3.86
CA ARG A 55 -4.86 1.83 3.86
C ARG A 55 -3.36 2.03 3.55
N SER A 56 -2.57 1.06 4.01
CA SER A 56 -1.11 1.19 3.94
C SER A 56 -0.68 2.61 4.31
N ASP A 57 -1.32 3.16 5.35
CA ASP A 57 -1.14 4.57 5.66
C ASP A 57 -0.03 4.65 6.71
N LEU A 58 1.20 4.61 6.20
CA LEU A 58 2.37 4.42 7.05
C LEU A 58 3.62 4.85 6.29
N THR A 59 4.71 4.99 7.05
CA THR A 59 6.05 5.00 6.51
C THR A 59 6.90 4.08 7.37
N TYR A 60 8.08 3.74 6.87
CA TYR A 60 8.97 2.85 7.61
C TYR A 60 10.40 3.21 7.27
N ASP A 61 11.33 2.61 8.02
CA ASP A 61 12.75 2.75 7.70
C ASP A 61 13.49 1.58 8.29
N VAL A 62 14.63 1.26 7.69
CA VAL A 62 15.36 0.02 8.01
C VAL A 62 16.85 0.30 8.13
N PRO A 63 17.32 0.79 9.28
CA PRO A 63 18.76 0.75 9.59
C PRO A 63 19.19 -0.71 9.76
N SER A 64 20.48 -0.91 9.73
CA SER A 64 21.04 -2.26 9.87
C SER A 64 22.13 -2.30 10.93
N VAL A 65 22.46 -3.53 11.35
CA VAL A 65 23.59 -3.84 12.23
C VAL A 65 24.46 -4.80 11.47
N TRP A 66 25.76 -4.54 11.43
CA TRP A 66 26.72 -5.42 10.77
C TRP A 66 27.86 -5.68 11.74
N ASP A 67 28.16 -6.97 11.96
CA ASP A 67 29.26 -7.31 12.89
C ASP A 67 29.08 -6.58 14.23
N GLY A 68 27.84 -6.52 14.71
CA GLY A 68 27.56 -5.91 15.99
C GLY A 68 27.64 -4.41 16.04
N ARG A 69 27.68 -3.74 14.88
CA ARG A 69 27.80 -2.28 14.79
C ARG A 69 26.59 -1.71 14.04
N PHE A 70 25.85 -0.82 14.69
CA PHE A 70 24.77 -0.13 13.97
C PHE A 70 25.38 0.75 12.90
N PHE A 71 24.84 0.71 11.66
CA PHE A 71 25.37 1.50 10.55
C PHE A 71 24.45 2.67 10.24
N ARG A 72 24.95 3.90 10.44
CA ARG A 72 24.26 5.15 10.10
C ARG A 72 22.87 5.23 10.71
N LEU A 73 22.75 4.80 11.98
CA LEU A 73 21.43 4.76 12.61
C LEU A 73 20.78 6.15 12.63
N ASP A 74 21.54 7.18 13.00
CA ASP A 74 20.94 8.51 13.07
C ASP A 74 20.40 8.98 11.72
N ASP A 75 21.09 8.67 10.63
CA ASP A 75 20.57 9.01 9.31
C ASP A 75 19.24 8.35 9.06
N HIS A 76 19.08 7.08 9.46
CA HIS A 76 17.80 6.41 9.23
C HIS A 76 16.72 6.98 10.10
N ILE A 77 17.00 7.30 11.38
CA ILE A 77 15.92 7.85 12.21
C ILE A 77 15.55 9.24 11.71
N THR A 78 16.54 10.04 11.28
CA THR A 78 16.20 11.35 10.70
C THR A 78 15.33 11.20 9.46
N ARG A 79 15.64 10.23 8.61
CA ARG A 79 14.80 10.01 7.43
C ARG A 79 13.40 9.57 7.82
N LEU A 80 13.27 8.68 8.80
CA LEU A 80 11.96 8.28 9.28
C LEU A 80 11.17 9.48 9.76
N GLU A 81 11.82 10.38 10.50
CA GLU A 81 11.11 11.57 10.99
C GLU A 81 10.71 12.46 9.83
N ALA A 82 11.56 12.60 8.83
CA ALA A 82 11.21 13.40 7.66
C ALA A 82 10.06 12.78 6.87
N SER A 83 10.05 11.46 6.75
CA SER A 83 8.94 10.76 6.10
C SER A 83 7.65 10.97 6.88
N CYS A 84 7.72 10.85 8.21
CA CYS A 84 6.54 11.09 9.04
C CYS A 84 6.04 12.50 8.81
N THR A 85 6.92 13.49 8.82
CA THR A 85 6.46 14.87 8.60
C THR A 85 5.72 14.98 7.26
N LYS A 86 6.27 14.39 6.21
CA LYS A 86 5.65 14.47 4.88
C LYS A 86 4.26 13.86 4.87
N LEU A 87 4.01 12.82 5.68
CA LEU A 87 2.69 12.15 5.74
C LEU A 87 1.81 12.69 6.86
N ARG A 88 2.27 13.71 7.59
CA ARG A 88 1.54 14.26 8.73
C ARG A 88 1.38 13.24 9.84
N LEU A 89 2.38 12.38 9.99
CA LEU A 89 2.51 11.44 11.09
C LEU A 89 3.52 12.00 12.07
N ARG A 90 3.59 11.39 13.25
CA ARG A 90 4.60 11.76 14.23
C ARG A 90 5.13 10.50 14.91
N LEU A 91 6.44 10.34 14.91
CA LEU A 91 7.04 9.21 15.61
C LEU A 91 6.50 9.15 17.04
N PRO A 92 5.90 8.04 17.48
CA PRO A 92 5.12 8.04 18.74
C PRO A 92 5.93 8.08 20.03
N LEU A 93 7.26 7.94 19.98
CA LEU A 93 8.09 8.05 21.17
C LEU A 93 9.24 8.98 20.84
N PRO A 94 9.83 9.62 21.85
CA PRO A 94 11.01 10.47 21.59
C PRO A 94 12.12 9.65 20.94
N ARG A 95 12.86 10.31 20.06
CA ARG A 95 13.84 9.57 19.27
C ARG A 95 14.94 8.94 20.12
N ASP A 96 15.34 9.58 21.25
CA ASP A 96 16.36 8.94 22.10
C ASP A 96 15.83 7.66 22.75
N GLN A 97 14.56 7.65 23.13
CA GLN A 97 13.96 6.44 23.65
C GLN A 97 13.87 5.35 22.58
N VAL A 98 13.53 5.74 21.35
CA VAL A 98 13.49 4.77 20.27
C VAL A 98 14.84 4.11 20.08
N LYS A 99 15.91 4.92 20.01
CA LYS A 99 17.24 4.34 19.86
C LYS A 99 17.58 3.38 21.00
N GLN A 100 17.25 3.77 22.24
CA GLN A 100 17.53 2.90 23.37
C GLN A 100 16.80 1.55 23.24
N ILE A 101 15.54 1.58 22.82
CA ILE A 101 14.79 0.35 22.61
C ILE A 101 15.43 -0.50 21.53
N LEU A 102 15.85 0.12 20.42
CA LEU A 102 16.43 -0.66 19.34
C LEU A 102 17.69 -1.38 19.80
N VAL A 103 18.54 -0.67 20.53
CA VAL A 103 19.76 -1.30 21.03
C VAL A 103 19.42 -2.43 21.98
N GLU A 104 18.43 -2.22 22.87
CA GLU A 104 18.00 -3.29 23.75
C GLU A 104 17.50 -4.51 22.99
N MET A 105 16.73 -4.26 21.93
CA MET A 105 16.21 -5.37 21.15
C MET A 105 17.32 -6.16 20.46
N VAL A 106 18.25 -5.44 19.82
CA VAL A 106 19.37 -6.11 19.16
C VAL A 106 20.15 -6.96 20.17
N ALA A 107 20.48 -6.35 21.30
CA ALA A 107 21.27 -7.07 22.29
C ALA A 107 20.53 -8.30 22.79
N LYS A 108 19.22 -8.18 23.06
CA LYS A 108 18.44 -9.33 23.54
C LYS A 108 18.39 -10.44 22.50
N SER A 109 18.33 -10.08 21.21
CA SER A 109 18.27 -11.06 20.15
C SER A 109 19.60 -11.84 20.00
N GLY A 110 20.73 -11.21 20.31
CA GLY A 110 22.04 -11.79 19.99
C GLY A 110 22.43 -11.72 18.53
N ILE A 111 21.63 -11.04 17.70
CA ILE A 111 21.88 -11.00 16.23
C ILE A 111 22.95 -9.95 15.88
N ARG A 112 24.15 -10.37 15.48
CA ARG A 112 25.25 -9.47 15.00
C ARG A 112 24.95 -8.79 13.66
N ASP A 113 24.32 -9.52 12.74
CA ASP A 113 24.01 -8.95 11.41
C ASP A 113 22.49 -8.88 11.33
N ALA A 114 21.97 -7.68 11.17
CA ALA A 114 20.50 -7.58 11.29
C ALA A 114 19.91 -6.40 10.53
N HIS A 115 18.65 -6.55 10.17
CA HIS A 115 17.85 -5.42 9.69
C HIS A 115 16.90 -5.04 10.80
N VAL A 116 16.80 -3.75 11.04
CA VAL A 116 16.03 -3.22 12.16
C VAL A 116 14.97 -2.31 11.56
N CYS A 117 13.73 -2.79 11.56
CA CYS A 117 12.63 -2.11 10.86
C CYS A 117 11.79 -1.33 11.86
N LEU A 118 11.52 -0.06 11.52
CA LEU A 118 10.62 0.79 12.30
C LEU A 118 9.48 1.18 11.39
N ILE A 119 8.26 1.06 11.87
CA ILE A 119 7.05 1.37 11.09
C ILE A 119 6.19 2.32 11.91
N VAL A 120 5.79 3.44 11.29
CA VAL A 120 4.87 4.36 11.95
C VAL A 120 3.61 4.38 11.10
N THR A 121 2.47 4.03 11.69
CA THR A 121 1.20 4.02 10.97
C THR A 121 0.25 5.10 11.50
N ARG A 122 -0.80 5.38 10.71
CA ARG A 122 -1.79 6.38 11.13
C ARG A 122 -2.48 5.98 12.42
N GLY A 123 -2.56 4.70 12.70
CA GLY A 123 -3.21 4.20 13.91
C GLY A 123 -4.50 3.49 13.61
N LEU A 124 -5.35 3.39 14.63
CA LEU A 124 -6.59 2.61 14.45
C LEU A 124 -7.68 3.42 13.77
N LYS A 125 -7.54 4.73 13.68
CA LYS A 125 -8.58 5.57 13.09
C LYS A 125 -7.99 6.29 11.88
N GLY A 126 -8.71 6.20 10.78
CA GLY A 126 -8.20 6.73 9.54
C GLY A 126 -8.41 8.19 9.41
N VAL A 127 -7.74 8.72 8.38
CA VAL A 127 -7.84 10.13 8.02
C VAL A 127 -9.28 10.49 7.72
N ARG A 128 -9.99 9.61 7.02
CA ARG A 128 -11.34 9.98 6.60
C ARG A 128 -12.25 10.10 7.81
N GLY A 129 -12.88 11.26 7.97
CA GLY A 129 -13.96 11.40 8.94
C GLY A 129 -13.51 11.70 10.36
N THR A 130 -12.41 11.08 10.77
CA THR A 130 -11.95 11.22 12.16
C THR A 130 -11.48 12.65 12.39
N ARG A 131 -11.94 13.26 13.47
CA ARG A 131 -11.40 14.53 13.92
C ARG A 131 -9.89 14.41 14.08
N PRO A 132 -9.10 15.34 13.54
CA PRO A 132 -7.63 15.21 13.63
C PRO A 132 -7.10 15.03 15.04
N GLU A 133 -7.78 15.52 16.06
CA GLU A 133 -7.28 15.33 17.42
C GLU A 133 -7.47 13.92 17.95
N ASP A 134 -8.36 13.13 17.34
CA ASP A 134 -8.57 11.75 17.75
C ASP A 134 -7.63 10.76 17.07
N ILE A 135 -6.74 11.22 16.20
CA ILE A 135 -5.81 10.32 15.52
C ILE A 135 -4.64 10.05 16.46
N VAL A 136 -4.32 8.77 16.67
CA VAL A 136 -3.19 8.37 17.51
C VAL A 136 -2.35 7.41 16.68
N ASN A 137 -1.16 7.84 16.30
CA ASN A 137 -0.32 7.03 15.40
C ASN A 137 0.29 5.85 16.18
N ASN A 138 0.55 4.73 15.47
CA ASN A 138 1.09 3.52 16.07
C ASN A 138 2.51 3.30 15.58
N LEU A 139 3.31 2.67 16.46
CA LEU A 139 4.71 2.34 16.18
C LEU A 139 4.89 0.84 16.31
N TYR A 140 5.54 0.20 15.33
CA TYR A 140 5.97 -1.20 15.41
C TYR A 140 7.45 -1.24 15.07
N MET A 141 8.22 -2.05 15.79
CA MET A 141 9.66 -2.17 15.52
C MET A 141 10.05 -3.62 15.56
N PHE A 142 11.03 -4.02 14.74
CA PHE A 142 11.49 -5.40 14.83
C PHE A 142 12.93 -5.49 14.38
N VAL A 143 13.62 -6.50 14.91
CA VAL A 143 14.98 -6.86 14.48
C VAL A 143 14.90 -8.22 13.85
N GLN A 144 15.44 -8.36 12.66
CA GLN A 144 15.46 -9.66 12.01
C GLN A 144 16.85 -9.96 11.49
N PRO A 145 17.20 -11.23 11.30
CA PRO A 145 18.48 -11.56 10.67
C PRO A 145 18.61 -10.87 9.31
N TYR A 146 19.81 -10.38 9.03
CA TYR A 146 20.09 -9.60 7.82
C TYR A 146 19.54 -10.30 6.57
N VAL A 147 18.80 -9.52 5.79
CA VAL A 147 18.16 -9.96 4.56
C VAL A 147 19.01 -9.57 3.35
N TRP A 148 19.21 -10.49 2.42
CA TRP A 148 20.01 -10.24 1.21
C TRP A 148 19.09 -10.14 -0.01
N VAL A 149 19.00 -8.95 -0.60
CA VAL A 149 18.34 -8.83 -1.90
C VAL A 149 19.15 -9.52 -2.98
N MET A 150 20.48 -9.60 -2.81
CA MET A 150 21.36 -10.43 -3.63
C MET A 150 22.24 -11.18 -2.63
N GLU A 151 22.19 -12.51 -2.67
CA GLU A 151 22.99 -13.33 -1.76
C GLU A 151 24.48 -13.17 -2.05
N PRO A 152 25.31 -13.43 -1.04
CA PRO A 152 26.77 -13.28 -1.22
C PRO A 152 27.32 -14.01 -2.45
N ASP A 153 26.92 -15.27 -2.69
CA ASP A 153 27.48 -15.99 -3.83
C ASP A 153 27.15 -15.33 -5.16
N MET A 154 25.97 -14.71 -5.24
CA MET A 154 25.61 -13.98 -6.45
C MET A 154 26.35 -12.67 -6.58
N GLN A 155 26.64 -11.99 -5.45
CA GLN A 155 27.40 -10.75 -5.54
C GLN A 155 28.79 -10.96 -6.13
N ARG A 156 29.34 -12.17 -6.00
CA ARG A 156 30.67 -12.44 -6.55
C ARG A 156 30.67 -12.46 -8.07
N VAL A 157 29.53 -12.71 -8.70
CA VAL A 157 29.45 -12.81 -10.16
C VAL A 157 28.52 -11.77 -10.77
N GLY A 158 27.67 -11.14 -9.97
CA GLY A 158 26.68 -10.19 -10.50
C GLY A 158 25.40 -10.90 -10.86
N GLY A 159 24.30 -10.15 -10.85
CA GLY A 159 22.97 -10.64 -11.14
C GLY A 159 22.44 -10.16 -12.48
N SER A 160 21.19 -10.58 -12.72
CA SER A 160 20.54 -10.32 -13.99
C SER A 160 19.32 -9.41 -13.80
N ALA A 161 19.25 -8.35 -14.60
CA ALA A 161 18.19 -7.35 -14.47
C ALA A 161 17.51 -7.16 -15.82
N VAL A 162 16.29 -6.59 -15.77
CA VAL A 162 15.62 -6.14 -16.99
C VAL A 162 15.15 -4.72 -16.74
N VAL A 163 15.11 -3.92 -17.79
CA VAL A 163 14.34 -2.67 -17.75
C VAL A 163 12.89 -3.08 -17.95
N ALA A 164 12.07 -2.80 -16.96
CA ALA A 164 10.69 -3.29 -17.01
C ALA A 164 9.90 -2.61 -18.12
N ARG A 165 9.11 -3.42 -18.82
CA ARG A 165 8.28 -2.95 -19.92
C ARG A 165 6.80 -3.08 -19.65
N THR A 166 6.40 -3.82 -18.61
CA THR A 166 4.97 -4.03 -18.34
C THR A 166 4.50 -3.14 -17.20
N VAL A 167 5.41 -2.42 -16.53
CA VAL A 167 5.08 -1.59 -15.37
C VAL A 167 6.12 -0.50 -15.34
N ARG A 168 5.76 0.63 -14.70
CA ARG A 168 6.68 1.76 -14.48
C ARG A 168 6.49 2.22 -13.04
N ARG A 169 7.40 3.05 -12.54
CA ARG A 169 7.37 3.45 -11.16
C ARG A 169 6.21 4.41 -10.91
N VAL A 170 5.58 4.28 -9.74
CA VAL A 170 4.56 5.28 -9.35
C VAL A 170 5.21 6.66 -9.37
N PRO A 171 4.62 7.68 -10.01
CA PRO A 171 5.26 9.00 -10.10
C PRO A 171 5.13 9.78 -8.81
N PRO A 172 6.02 10.75 -8.57
CA PRO A 172 6.04 11.47 -7.29
C PRO A 172 4.80 12.30 -7.00
N GLY A 173 4.10 12.79 -8.03
CA GLY A 173 2.85 13.49 -7.82
C GLY A 173 1.68 12.60 -7.53
N ALA A 174 1.88 11.28 -7.50
CA ALA A 174 0.88 10.34 -6.97
C ALA A 174 1.27 9.87 -5.58
N ILE A 175 2.46 9.26 -5.45
CA ILE A 175 2.99 8.85 -4.14
C ILE A 175 4.45 9.30 -4.13
N ASP A 176 4.84 10.04 -3.08
CA ASP A 176 6.20 10.61 -3.04
C ASP A 176 7.22 9.50 -2.73
N PRO A 177 8.12 9.15 -3.63
CA PRO A 177 9.04 8.01 -3.39
C PRO A 177 10.17 8.39 -2.44
N THR A 178 10.28 9.68 -2.04
CA THR A 178 11.23 10.01 -0.98
C THR A 178 10.72 9.59 0.39
N VAL A 179 9.46 9.24 0.50
CA VAL A 179 8.84 8.70 1.73
C VAL A 179 8.94 7.19 1.57
N1 LLP A 180 14.47 2.18 -3.08
C2 LLP A 180 13.46 1.62 -2.51
C2' LLP A 180 12.13 1.58 -3.31
C3 LLP A 180 13.56 1.14 -1.20
O3 LLP A 180 12.46 0.55 -0.60
C4 LLP A 180 14.74 1.23 -0.49
C4' LLP A 180 14.88 0.73 1.04
C5 LLP A 180 15.83 1.72 -1.18
C6 LLP A 180 15.73 2.21 -2.46
C5' LLP A 180 17.25 1.73 -0.57
OP4 LLP A 180 17.37 2.65 0.47
P LLP A 180 18.47 2.44 1.60
OP1 LLP A 180 18.18 1.11 2.29
OP2 LLP A 180 18.30 3.65 2.50
OP3 LLP A 180 19.83 2.42 0.90
N LLP A 180 9.82 6.51 2.34
CA LLP A 180 9.94 5.03 2.24
CB LLP A 180 11.13 4.53 3.07
CG LLP A 180 11.69 3.19 2.57
CD LLP A 180 12.95 2.82 3.38
CE LLP A 180 13.53 1.43 3.11
NZ LLP A 180 13.62 1.02 1.69
C LLP A 180 8.62 4.41 2.64
O LLP A 180 8.08 4.76 3.73
N ASN A 181 8.05 3.60 1.76
CA ASN A 181 6.67 3.16 2.00
C ASN A 181 6.49 1.73 1.53
N LEU A 182 5.41 1.11 1.98
CA LEU A 182 5.15 -0.32 1.75
C LEU A 182 4.07 -0.51 0.69
N GLN A 183 3.80 0.51 -0.12
CA GLN A 183 2.83 0.40 -1.23
C GLN A 183 3.60 -0.08 -2.45
N TRP A 184 3.80 -1.39 -2.51
CA TRP A 184 4.71 -2.00 -3.48
C TRP A 184 4.01 -2.51 -4.74
N GLY A 185 2.86 -1.98 -5.13
CA GLY A 185 2.14 -2.62 -6.25
C GLY A 185 2.96 -2.64 -7.52
N ASP A 186 3.62 -1.52 -7.85
CA ASP A 186 4.47 -1.48 -9.05
C ASP A 186 5.70 -2.36 -8.89
N LEU A 187 6.31 -2.34 -7.69
CA LEU A 187 7.56 -3.08 -7.44
C LEU A 187 7.33 -4.58 -7.51
N VAL A 188 6.20 -5.06 -6.95
CA VAL A 188 5.83 -6.48 -7.06
C VAL A 188 5.58 -6.83 -8.53
N ARG A 189 4.86 -5.98 -9.28
CA ARG A 189 4.71 -6.25 -10.70
C ARG A 189 6.07 -6.37 -11.38
N GLY A 190 7.01 -5.50 -11.00
CA GLY A 190 8.36 -5.57 -11.59
C GLY A 190 9.06 -6.88 -11.27
N MET A 191 8.93 -7.35 -10.04
CA MET A 191 9.54 -8.63 -9.68
C MET A 191 8.94 -9.79 -10.47
N PHE A 192 7.62 -9.82 -10.64
CA PHE A 192 7.02 -10.87 -11.46
C PHE A 192 7.46 -10.76 -12.91
N GLU A 193 7.54 -9.55 -13.45
CA GLU A 193 8.00 -9.40 -14.83
C GLU A 193 9.42 -9.91 -15.00
N ALA A 194 10.32 -9.53 -14.10
CA ALA A 194 11.70 -10.00 -14.21
C ALA A 194 11.74 -11.50 -14.21
N ALA A 195 11.03 -12.16 -13.31
CA ALA A 195 11.00 -13.62 -13.26
C ALA A 195 10.42 -14.19 -14.54
N ASP A 196 9.34 -13.60 -15.06
CA ASP A 196 8.75 -14.10 -16.31
C ASP A 196 9.76 -14.04 -17.45
N ARG A 197 10.66 -13.06 -17.44
CA ARG A 197 11.68 -12.81 -18.45
C ARG A 197 12.99 -13.54 -18.14
N GLY A 198 13.03 -14.40 -17.13
CA GLY A 198 14.25 -15.16 -16.85
C GLY A 198 15.34 -14.36 -16.18
N ALA A 199 15.00 -13.28 -15.51
CA ALA A 199 15.91 -12.41 -14.79
C ALA A 199 15.43 -12.30 -13.35
N THR A 200 16.15 -11.54 -12.55
CA THR A 200 15.80 -11.40 -11.13
C THR A 200 15.37 -9.99 -10.75
N TYR A 201 16.01 -8.97 -11.29
CA TYR A 201 15.85 -7.62 -10.75
C TYR A 201 15.17 -6.74 -11.77
N PRO A 202 14.13 -6.02 -11.40
CA PRO A 202 13.52 -5.06 -12.33
C PRO A 202 14.05 -3.66 -12.12
N PHE A 203 14.35 -2.96 -13.20
CA PHE A 203 14.65 -1.53 -13.17
C PHE A 203 13.44 -0.81 -13.76
N LEU A 204 12.82 0.04 -12.96
CA LEU A 204 11.56 0.70 -13.42
C LEU A 204 11.86 2.09 -13.98
N THR A 205 11.22 2.42 -15.09
CA THR A 205 11.30 3.77 -15.69
C THR A 205 10.36 4.74 -14.99
N ASP A 206 10.46 6.02 -15.30
CA ASP A 206 9.61 7.10 -14.73
C ASP A 206 8.35 7.26 -15.59
N GLY A 207 8.16 6.39 -16.57
CA GLY A 207 7.03 6.57 -17.50
C GLY A 207 7.37 7.60 -18.54
N ASP A 208 8.65 7.95 -18.67
CA ASP A 208 9.07 9.03 -19.60
C ASP A 208 10.50 8.82 -20.10
N ALA A 209 10.93 7.56 -20.29
CA ALA A 209 12.19 7.23 -20.93
C ALA A 209 13.43 7.46 -20.06
N HIS A 210 13.24 7.58 -18.75
CA HIS A 210 14.34 7.75 -17.80
C HIS A 210 14.22 6.73 -16.69
N LEU A 211 15.34 6.37 -16.10
CA LEU A 211 15.36 5.35 -15.05
C LEU A 211 14.99 5.93 -13.70
N THR A 212 14.40 5.09 -12.83
CA THR A 212 14.16 5.48 -11.43
C THR A 212 14.91 4.51 -10.53
N GLU A 213 14.23 3.52 -9.98
CA GLU A 213 14.77 2.60 -9.00
C GLU A 213 14.11 1.25 -9.26
N GLY A 214 14.47 0.26 -8.41
CA GLY A 214 13.87 -1.05 -8.52
C GLY A 214 13.13 -1.41 -7.27
N SER A 215 12.88 -2.72 -7.15
CA SER A 215 12.11 -3.31 -6.06
C SER A 215 12.94 -3.38 -4.78
N GLY A 216 13.10 -2.22 -4.15
CA GLY A 216 13.83 -2.13 -2.90
C GLY A 216 15.28 -1.71 -3.00
N PHE A 217 15.69 -1.05 -4.08
CA PHE A 217 17.10 -0.69 -4.26
C PHE A 217 17.18 0.49 -5.21
N ASN A 218 18.24 1.26 -5.08
CA ASN A 218 18.58 2.26 -6.07
C ASN A 218 19.49 1.67 -7.15
N ILE A 219 19.59 2.38 -8.28
CA ILE A 219 20.33 1.92 -9.46
C ILE A 219 21.47 2.91 -9.72
N VAL A 220 22.68 2.37 -9.95
CA VAL A 220 23.84 3.19 -10.31
C VAL A 220 24.43 2.64 -11.60
N LEU A 221 24.65 3.53 -12.57
CA LEU A 221 25.35 3.19 -13.82
C LEU A 221 26.75 3.79 -13.77
N VAL A 222 27.71 3.11 -14.39
CA VAL A 222 29.10 3.63 -14.47
C VAL A 222 29.44 3.74 -15.95
N LYS A 223 29.92 4.91 -16.37
CA LYS A 223 30.34 5.07 -17.77
C LYS A 223 31.50 6.03 -17.80
N ASP A 224 32.61 5.57 -18.42
CA ASP A 224 33.82 6.40 -18.58
C ASP A 224 34.28 7.02 -17.27
N GLY A 225 34.25 6.20 -16.22
CA GLY A 225 34.79 6.61 -14.96
C GLY A 225 33.90 7.47 -14.10
N VAL A 226 32.62 7.66 -14.49
CA VAL A 226 31.68 8.51 -13.77
C VAL A 226 30.49 7.65 -13.34
N LEU A 227 29.98 7.92 -12.13
CA LEU A 227 28.77 7.26 -11.65
C LEU A 227 27.57 8.13 -11.97
N TYR A 228 26.48 7.49 -12.39
CA TYR A 228 25.20 8.16 -12.71
C TYR A 228 24.11 7.49 -11.90
N THR A 229 23.26 8.30 -11.24
CA THR A 229 22.16 7.68 -10.52
C THR A 229 20.98 8.65 -10.53
N PRO A 230 19.75 8.16 -10.68
CA PRO A 230 18.60 9.09 -10.79
C PRO A 230 18.41 9.95 -9.58
N ASP A 231 18.01 11.21 -9.81
CA ASP A 231 17.72 12.15 -8.72
C ASP A 231 16.26 12.10 -8.33
N ARG A 232 15.38 12.42 -9.27
CA ARG A 232 13.94 12.45 -9.06
C ARG A 232 13.35 11.05 -9.16
N GLY A 233 12.26 10.82 -8.44
CA GLY A 233 11.48 9.61 -8.64
C GLY A 233 11.90 8.40 -7.83
N VAL A 234 12.79 8.59 -6.85
CA VAL A 234 13.40 7.48 -6.12
C VAL A 234 13.56 7.83 -4.65
N LEU A 235 13.73 6.78 -3.85
CA LEU A 235 14.14 6.99 -2.47
C LEU A 235 15.57 7.53 -2.45
N GLN A 236 15.87 8.45 -1.54
CA GLN A 236 17.25 8.93 -1.37
C GLN A 236 17.93 7.98 -0.39
N GLY A 237 18.45 6.87 -0.95
CA GLY A 237 18.92 5.79 -0.10
C GLY A 237 20.12 6.17 0.74
N VAL A 238 20.20 5.57 1.93
CA VAL A 238 21.39 5.73 2.77
C VAL A 238 22.55 4.92 2.18
N THR A 239 22.26 3.80 1.49
CA THR A 239 23.34 3.09 0.80
C THR A 239 23.88 3.94 -0.35
N ARG A 240 22.97 4.57 -1.12
CA ARG A 240 23.37 5.50 -2.16
C ARG A 240 24.20 6.65 -1.59
N LYS A 241 23.78 7.19 -0.44
CA LYS A 241 24.54 8.25 0.21
C LYS A 241 25.95 7.76 0.52
N SER A 242 26.06 6.51 0.98
CA SER A 242 27.36 5.93 1.33
C SER A 242 28.20 5.70 0.07
N VAL A 243 27.58 5.29 -1.03
CA VAL A 243 28.28 5.18 -2.32
C VAL A 243 28.86 6.52 -2.70
N ILE A 244 28.09 7.59 -2.51
CA ILE A 244 28.59 8.94 -2.82
C ILE A 244 29.77 9.31 -1.92
N ASN A 245 29.69 9.00 -0.62
CA ASN A 245 30.83 9.25 0.27
C ASN A 245 32.06 8.49 -0.20
N ALA A 246 31.90 7.23 -0.55
CA ALA A 246 33.04 6.45 -0.99
C ALA A 246 33.59 7.00 -2.30
N ALA A 247 32.72 7.30 -3.27
CA ALA A 247 33.20 7.84 -4.53
C ALA A 247 33.98 9.13 -4.32
N GLU A 248 33.47 10.02 -3.46
CA GLU A 248 34.18 11.26 -3.19
C GLU A 248 35.54 11.02 -2.58
N ALA A 249 35.64 10.08 -1.65
CA ALA A 249 36.94 9.76 -1.07
C ALA A 249 37.92 9.24 -2.12
N PHE A 250 37.41 8.55 -3.14
CA PHE A 250 38.23 7.97 -4.17
C PHE A 250 38.45 8.92 -5.35
N GLY A 251 37.88 10.12 -5.32
CA GLY A 251 37.98 11.03 -6.44
C GLY A 251 37.18 10.63 -7.67
N ILE A 252 36.08 9.91 -7.49
CA ILE A 252 35.23 9.47 -8.61
C ILE A 252 34.00 10.38 -8.65
N GLU A 253 33.74 10.99 -9.81
CA GLU A 253 32.58 11.89 -9.93
C GLU A 253 31.28 11.10 -9.87
N VAL A 254 30.30 11.66 -9.15
CA VAL A 254 28.94 11.09 -9.11
C VAL A 254 27.99 12.15 -9.61
N ARG A 255 27.18 11.79 -10.58
CA ARG A 255 26.13 12.67 -11.11
C ARG A 255 24.77 12.13 -10.66
N VAL A 256 24.09 12.90 -9.82
CA VAL A 256 22.76 12.54 -9.33
C VAL A 256 21.82 13.40 -10.16
N GLU A 257 21.18 12.81 -11.19
CA GLU A 257 20.53 13.63 -12.23
C GLU A 257 19.59 12.72 -13.02
N PHE A 258 18.91 13.27 -14.04
CA PHE A 258 18.07 12.40 -14.88
C PHE A 258 18.94 11.47 -15.69
N VAL A 259 18.63 10.18 -15.65
CA VAL A 259 19.42 9.14 -16.30
C VAL A 259 18.56 8.55 -17.42
N PRO A 260 18.88 8.83 -18.67
CA PRO A 260 18.08 8.25 -19.77
C PRO A 260 18.21 6.74 -19.79
N VAL A 261 17.10 6.08 -20.12
CA VAL A 261 17.12 4.61 -20.21
C VAL A 261 18.25 4.11 -21.12
N GLU A 262 18.55 4.83 -22.21
CA GLU A 262 19.58 4.36 -23.14
C GLU A 262 20.92 4.17 -22.46
N LEU A 263 21.22 4.95 -21.42
CA LEU A 263 22.54 4.81 -20.79
C LEU A 263 22.74 3.43 -20.19
N ALA A 264 21.67 2.78 -19.74
CA ALA A 264 21.81 1.42 -19.19
C ALA A 264 22.34 0.44 -20.23
N TYR A 265 22.11 0.69 -21.52
CA TYR A 265 22.55 -0.21 -22.58
C TYR A 265 23.93 0.11 -23.11
N ARG A 266 24.50 1.24 -22.73
CA ARG A 266 25.78 1.72 -23.24
C ARG A 266 26.81 1.89 -22.13
N CYS A 267 26.49 1.56 -20.90
CA CYS A 267 27.39 1.89 -19.78
C CYS A 267 28.42 0.75 -19.60
N ASP A 268 29.43 1.04 -18.76
CA ASP A 268 30.53 0.13 -18.55
C ASP A 268 30.30 -0.82 -17.38
N GLU A 269 29.53 -0.40 -16.36
CA GLU A 269 29.23 -1.23 -15.21
C GLU A 269 27.86 -0.83 -14.68
N ILE A 270 27.22 -1.75 -13.97
CA ILE A 270 25.95 -1.43 -13.28
C ILE A 270 26.01 -2.06 -11.92
N PHE A 271 25.47 -1.35 -10.90
CA PHE A 271 25.21 -2.03 -9.64
C PHE A 271 23.96 -1.41 -9.01
N MET A 272 23.35 -2.20 -8.13
CA MET A 272 22.19 -1.74 -7.34
C MET A 272 22.71 -1.49 -5.93
N CYS A 273 22.00 -0.71 -5.13
CA CYS A 273 22.45 -0.51 -3.74
C CYS A 273 21.23 -0.40 -2.83
N THR A 274 21.34 -1.00 -1.63
CA THR A 274 20.24 -1.00 -0.68
C THR A 274 20.81 -1.46 0.67
N THR A 275 20.11 -1.13 1.74
CA THR A 275 20.57 -1.63 3.05
C THR A 275 20.47 -3.14 3.13
N ALA A 276 19.47 -3.76 2.48
CA ALA A 276 19.30 -5.20 2.48
C ALA A 276 20.18 -5.85 1.40
N GLY A 277 21.49 -5.77 1.61
CA GLY A 277 22.44 -6.47 0.74
C GLY A 277 23.67 -5.65 0.43
N GLY A 278 23.56 -4.32 0.46
CA GLY A 278 24.73 -3.47 0.21
C GLY A 278 24.88 -3.13 -1.28
N ILE A 279 26.02 -3.49 -1.85
CA ILE A 279 26.40 -3.13 -3.22
C ILE A 279 26.30 -4.40 -4.06
N MET A 280 25.39 -4.40 -5.03
CA MET A 280 24.95 -5.60 -5.73
C MET A 280 25.18 -5.48 -7.22
N PRO A 281 26.26 -6.05 -7.75
CA PRO A 281 26.57 -5.85 -9.16
C PRO A 281 25.55 -6.50 -10.08
N ILE A 282 25.33 -5.85 -11.24
CA ILE A 282 24.47 -6.40 -12.29
C ILE A 282 25.34 -6.65 -13.50
N THR A 283 25.41 -7.91 -13.94
CA THR A 283 26.29 -8.24 -15.05
C THR A 283 25.54 -8.74 -16.28
N THR A 284 24.22 -8.93 -16.21
CA THR A 284 23.39 -9.20 -17.38
C THR A 284 22.22 -8.21 -17.33
N LEU A 285 21.92 -7.61 -18.48
CA LEU A 285 20.80 -6.66 -18.61
C LEU A 285 20.01 -7.04 -19.85
N ASP A 286 18.70 -7.32 -19.69
CA ASP A 286 17.82 -7.72 -20.82
C ASP A 286 18.45 -8.90 -21.56
N GLY A 287 19.03 -9.82 -20.81
CA GLY A 287 19.58 -11.04 -21.40
C GLY A 287 20.93 -10.91 -22.03
N MET A 288 21.57 -9.74 -22.00
CA MET A 288 22.85 -9.45 -22.65
C MET A 288 23.92 -9.15 -21.61
N PRO A 289 25.17 -9.56 -21.82
CA PRO A 289 26.22 -9.18 -20.86
C PRO A 289 26.37 -7.68 -20.79
N VAL A 290 26.65 -7.19 -19.59
CA VAL A 290 26.95 -5.78 -19.38
C VAL A 290 28.45 -5.60 -19.61
N ASN A 291 28.83 -4.99 -20.73
CA ASN A 291 30.24 -4.71 -21.05
C ASN A 291 31.15 -5.91 -20.77
N GLY A 292 30.79 -7.08 -21.29
CA GLY A 292 31.62 -8.25 -21.10
C GLY A 292 31.20 -9.17 -19.97
N GLY A 293 30.32 -8.71 -19.06
CA GLY A 293 29.74 -9.65 -18.13
C GLY A 293 30.50 -9.90 -16.85
N GLN A 294 31.56 -9.14 -16.57
CA GLN A 294 32.29 -9.31 -15.33
C GLN A 294 32.03 -8.10 -14.42
N ILE A 295 32.19 -8.30 -13.12
CA ILE A 295 32.08 -7.16 -12.21
C ILE A 295 33.17 -6.15 -12.50
N GLY A 296 32.80 -4.88 -12.54
CA GLY A 296 33.71 -3.89 -13.00
C GLY A 296 34.60 -3.34 -11.90
N PRO A 297 35.65 -2.61 -12.28
CA PRO A 297 36.63 -2.14 -11.29
C PRO A 297 36.10 -1.07 -10.38
N ILE A 298 35.25 -0.17 -10.88
CA ILE A 298 34.72 0.86 -10.00
C ILE A 298 33.70 0.27 -9.03
N THR A 299 32.86 -0.65 -9.51
CA THR A 299 31.96 -1.39 -8.62
C THR A 299 32.76 -2.02 -7.50
N LYS A 300 33.88 -2.66 -7.82
CA LYS A 300 34.67 -3.30 -6.75
C LYS A 300 35.22 -2.29 -5.75
N LYS A 301 35.71 -1.14 -6.21
CA LYS A 301 36.19 -0.13 -5.27
C LYS A 301 35.08 0.34 -4.36
N ILE A 302 33.89 0.61 -4.94
CA ILE A 302 32.76 1.06 -4.12
C ILE A 302 32.32 -0.03 -3.13
N TRP A 303 32.31 -1.27 -3.59
CA TRP A 303 31.95 -2.41 -2.72
C TRP A 303 32.84 -2.43 -1.48
N ASP A 304 34.16 -2.35 -1.70
CA ASP A 304 35.10 -2.41 -0.58
C ASP A 304 34.94 -1.17 0.30
N GLY A 305 34.78 0.00 -0.32
CA GLY A 305 34.65 1.21 0.47
C GLY A 305 33.41 1.22 1.34
N TYR A 306 32.29 0.73 0.78
CA TYR A 306 31.03 0.67 1.52
C TYR A 306 31.20 -0.18 2.80
N TRP A 307 31.78 -1.36 2.65
CA TRP A 307 31.94 -2.22 3.82
C TRP A 307 32.96 -1.64 4.81
N ALA A 308 34.02 -0.97 4.34
CA ALA A 308 34.95 -0.36 5.29
C ALA A 308 34.27 0.69 6.16
N MET A 309 33.29 1.40 5.62
CA MET A 309 32.61 2.45 6.36
C MET A 309 31.88 1.88 7.58
N HIS A 310 31.61 0.56 7.58
CA HIS A 310 30.90 -0.07 8.70
C HIS A 310 31.75 -0.17 9.95
N TYR A 311 33.05 0.16 9.84
CA TYR A 311 33.98 0.16 10.96
C TYR A 311 34.49 1.56 11.27
N ASP A 312 34.02 2.59 10.60
CA ASP A 312 34.42 3.97 10.83
C ASP A 312 33.47 4.59 11.83
N ALA A 313 34.02 5.14 12.93
CA ALA A 313 33.17 5.69 13.98
C ALA A 313 32.27 6.82 13.51
N ALA A 314 32.62 7.48 12.40
CA ALA A 314 31.75 8.51 11.88
C ALA A 314 30.47 7.95 11.28
N TYR A 315 30.40 6.65 10.96
CA TYR A 315 29.24 6.05 10.30
C TYR A 315 28.68 4.87 11.06
N SER A 316 29.22 4.52 12.23
CA SER A 316 28.82 3.27 12.88
C SER A 316 29.19 3.33 14.35
N PHE A 317 28.55 2.49 15.16
CA PHE A 317 28.94 2.36 16.56
C PHE A 317 28.74 0.94 17.02
N GLU A 318 29.56 0.49 17.98
CA GLU A 318 29.47 -0.86 18.50
C GLU A 318 28.36 -1.00 19.54
N ILE A 319 27.57 -2.04 19.41
CA ILE A 319 26.52 -2.39 20.36
C ILE A 319 27.08 -3.27 21.46
N ASP A 320 26.64 -3.01 22.70
CA ASP A 320 27.02 -3.86 23.84
C ASP A 320 25.98 -4.97 23.96
N TYR A 321 26.41 -6.20 23.73
CA TYR A 321 25.49 -7.33 23.79
C TYR A 321 25.34 -7.91 25.20
N ASN A 322 26.09 -7.43 26.17
CA ASN A 322 25.91 -7.92 27.55
C ASN A 322 24.60 -7.44 28.17
N ALA B 2 -37.58 11.91 -3.49
CA ALA B 2 -38.58 10.96 -3.02
C ALA B 2 -38.09 10.12 -1.85
N SER B 3 -37.03 9.32 -1.99
CA SER B 3 -36.87 8.19 -1.07
C SER B 3 -36.01 8.46 0.14
N MET B 4 -35.32 9.61 0.23
CA MET B 4 -34.33 9.80 1.29
C MET B 4 -34.95 9.63 2.68
N ASP B 5 -36.13 10.22 2.93
CA ASP B 5 -36.70 10.12 4.26
C ASP B 5 -36.94 8.67 4.66
N LYS B 6 -37.54 7.90 3.77
CA LYS B 6 -37.88 6.53 4.13
C LYS B 6 -36.62 5.68 4.30
N VAL B 7 -35.65 5.83 3.39
CA VAL B 7 -34.43 5.02 3.47
C VAL B 7 -33.69 5.32 4.76
N PHE B 8 -33.51 6.62 5.07
CA PHE B 8 -32.74 6.98 6.25
C PHE B 8 -33.53 6.69 7.54
N ALA B 9 -34.86 6.83 7.54
CA ALA B 9 -35.61 6.50 8.77
C ALA B 9 -35.54 5.01 9.07
N GLY B 10 -35.59 4.17 8.02
CA GLY B 10 -35.44 2.74 8.22
C GLY B 10 -34.09 2.41 8.81
N TYR B 11 -33.02 3.00 8.24
CA TYR B 11 -31.70 2.77 8.81
C TYR B 11 -31.60 3.23 10.26
N ALA B 12 -32.14 4.42 10.57
CA ALA B 12 -32.06 4.92 11.94
C ALA B 12 -32.76 3.98 12.91
N ALA B 13 -33.92 3.42 12.49
CA ALA B 13 -34.65 2.50 13.37
C ALA B 13 -33.87 1.22 13.60
N ARG B 14 -33.25 0.66 12.53
CA ARG B 14 -32.48 -0.56 12.69
C ARG B 14 -31.23 -0.30 13.52
N GLN B 15 -30.62 0.87 13.39
CA GLN B 15 -29.46 1.20 14.20
C GLN B 15 -29.79 1.25 15.68
N ALA B 16 -30.96 1.79 16.03
CA ALA B 16 -31.34 1.81 17.44
C ALA B 16 -31.49 0.39 17.97
N ILE B 17 -32.10 -0.49 17.20
CA ILE B 17 -32.20 -1.88 17.60
C ILE B 17 -30.82 -2.51 17.76
N LEU B 18 -29.93 -2.28 16.78
CA LEU B 18 -28.59 -2.87 16.87
C LEU B 18 -27.85 -2.37 18.12
N GLU B 19 -27.89 -1.06 18.39
CA GLU B 19 -27.19 -0.53 19.54
C GLU B 19 -27.68 -1.18 20.83
N SER B 20 -28.97 -1.48 20.91
CA SER B 20 -29.54 -2.09 22.10
C SER B 20 -29.00 -3.49 22.35
N THR B 21 -28.44 -4.16 21.32
CA THR B 21 -27.91 -5.51 21.50
C THR B 21 -26.44 -5.54 21.89
N GLU B 22 -25.76 -4.40 21.93
CA GLU B 22 -24.32 -4.40 22.09
C GLU B 22 -23.88 -4.92 23.46
N THR B 23 -24.70 -4.77 24.50
CA THR B 23 -24.21 -5.23 25.80
C THR B 23 -24.38 -6.72 25.99
N THR B 24 -25.14 -7.39 25.12
CA THR B 24 -25.31 -8.82 25.20
C THR B 24 -24.74 -9.58 24.01
N ASN B 25 -24.43 -8.92 22.89
CA ASN B 25 -23.86 -9.60 21.74
C ASN B 25 -22.48 -9.05 21.47
N PRO B 26 -21.42 -9.78 21.79
CA PRO B 26 -20.07 -9.23 21.58
C PRO B 26 -19.71 -9.05 20.10
N PHE B 27 -20.54 -9.51 19.17
CA PHE B 27 -20.31 -9.33 17.75
C PHE B 27 -21.12 -8.20 17.15
N ALA B 28 -21.94 -7.50 17.94
CA ALA B 28 -22.79 -6.44 17.42
C ALA B 28 -22.00 -5.25 16.87
N LYS B 29 -20.76 -5.02 17.34
CA LYS B 29 -19.90 -3.97 16.80
C LYS B 29 -19.03 -4.47 15.66
N GLY B 30 -19.25 -5.67 15.22
CA GLY B 30 -18.49 -6.26 14.14
C GLY B 30 -17.87 -7.58 14.48
N ILE B 31 -17.60 -8.38 13.48
CA ILE B 31 -17.05 -9.72 13.67
C ILE B 31 -16.03 -9.96 12.58
N ALA B 32 -14.95 -10.65 12.92
CA ALA B 32 -13.90 -10.96 11.98
C ALA B 32 -13.61 -12.45 11.97
N TRP B 33 -13.09 -12.90 10.82
CA TRP B 33 -12.70 -14.32 10.62
C TRP B 33 -11.19 -14.33 10.39
N VAL B 34 -10.44 -14.86 11.35
CA VAL B 34 -8.97 -14.99 11.17
C VAL B 34 -8.61 -16.45 11.35
N GLU B 35 -7.98 -17.06 10.35
CA GLU B 35 -7.49 -18.45 10.50
C GLU B 35 -8.65 -19.37 10.93
N GLY B 36 -9.86 -19.16 10.40
CA GLY B 36 -10.98 -20.07 10.70
C GLY B 36 -11.67 -19.79 12.02
N GLU B 37 -11.26 -18.73 12.71
CA GLU B 37 -11.85 -18.40 14.04
C GLU B 37 -12.62 -17.09 13.94
N LEU B 38 -13.77 -17.01 14.60
CA LEU B 38 -14.56 -15.80 14.62
C LEU B 38 -14.27 -15.03 15.90
N VAL B 39 -13.98 -13.73 15.78
CA VAL B 39 -13.65 -12.91 16.95
C VAL B 39 -14.32 -11.56 16.80
N PRO B 40 -14.59 -10.87 17.91
CA PRO B 40 -15.08 -9.49 17.82
C PRO B 40 -14.08 -8.66 17.02
N LEU B 41 -14.62 -7.79 16.15
CA LEU B 41 -13.77 -7.07 15.20
C LEU B 41 -12.64 -6.29 15.87
N ALA B 42 -12.90 -5.63 16.99
CA ALA B 42 -11.84 -4.82 17.61
C ALA B 42 -10.73 -5.69 18.16
N GLU B 43 -11.00 -6.97 18.40
CA GLU B 43 -10.00 -7.86 18.96
C GLU B 43 -9.21 -8.61 17.87
N ALA B 44 -9.57 -8.47 16.61
CA ALA B 44 -8.92 -9.23 15.55
C ALA B 44 -7.48 -8.76 15.34
N ARG B 45 -6.60 -9.72 15.15
CA ARG B 45 -5.17 -9.44 14.99
C ARG B 45 -4.64 -10.27 13.83
N ILE B 46 -3.63 -9.73 13.14
CA ILE B 46 -3.01 -10.44 12.03
C ILE B 46 -1.51 -10.51 12.29
N PRO B 47 -0.81 -11.45 11.66
CA PRO B 47 0.65 -11.47 11.84
C PRO B 47 1.30 -10.21 11.30
N LEU B 48 2.22 -9.66 12.08
CA LEU B 48 2.99 -8.50 11.64
C LEU B 48 3.68 -8.74 10.30
N LEU B 49 4.21 -9.94 10.08
CA LEU B 49 4.92 -10.23 8.85
C LEU B 49 4.00 -10.65 7.69
N ASP B 50 2.68 -10.64 7.84
CA ASP B 50 1.85 -10.84 6.65
C ASP B 50 2.25 -9.85 5.55
N GLN B 51 2.45 -10.35 4.36
CA GLN B 51 2.84 -9.47 3.25
C GLN B 51 1.74 -8.49 2.87
N GLY B 52 0.48 -8.73 3.29
CA GLY B 52 -0.53 -7.69 3.14
C GLY B 52 -0.17 -6.44 3.91
N PHE B 53 0.56 -6.59 5.03
CA PHE B 53 1.04 -5.45 5.77
C PHE B 53 2.41 -5.03 5.26
N MET B 54 3.33 -5.99 5.11
CA MET B 54 4.72 -5.60 4.85
C MET B 54 4.97 -5.13 3.42
N ARG B 55 4.05 -5.40 2.50
CA ARG B 55 4.17 -4.89 1.10
CA ARG B 55 4.17 -4.89 1.10
C ARG B 55 2.82 -4.50 0.46
N SER B 56 1.81 -4.34 1.34
CA SER B 56 0.43 -4.13 0.85
C SER B 56 0.16 -5.04 -0.31
N ASP B 57 0.59 -6.32 -0.20
CA ASP B 57 0.51 -7.21 -1.36
C ASP B 57 -0.77 -8.01 -1.23
N LEU B 58 -1.87 -7.38 -1.67
CA LEU B 58 -3.21 -7.90 -1.39
C LEU B 58 -4.18 -7.25 -2.36
N THR B 59 -5.36 -7.85 -2.44
CA THR B 59 -6.55 -7.17 -2.95
C THR B 59 -7.68 -7.39 -1.95
N TYR B 60 -8.76 -6.64 -2.09
CA TYR B 60 -9.90 -6.75 -1.18
C TYR B 60 -11.16 -6.44 -1.97
N ASP B 61 -12.30 -6.72 -1.33
CA ASP B 61 -13.58 -6.31 -1.92
C ASP B 61 -14.58 -6.17 -0.79
N VAL B 62 -15.61 -5.35 -1.01
CA VAL B 62 -16.53 -4.97 0.07
C VAL B 62 -17.99 -4.99 -0.43
N PRO B 63 -18.63 -6.16 -0.48
CA PRO B 63 -20.10 -6.20 -0.59
C PRO B 63 -20.72 -5.65 0.67
N SER B 64 -22.03 -5.40 0.60
CA SER B 64 -22.76 -4.79 1.69
C SER B 64 -24.08 -5.51 1.92
N VAL B 65 -24.62 -5.25 3.10
CA VAL B 65 -25.95 -5.73 3.50
C VAL B 65 -26.76 -4.50 3.84
N TRP B 66 -28.00 -4.43 3.34
CA TRP B 66 -28.89 -3.31 3.63
C TRP B 66 -30.23 -3.89 4.03
N ASP B 67 -30.75 -3.47 5.19
CA ASP B 67 -32.08 -3.97 5.62
C ASP B 67 -32.10 -5.50 5.59
N GLY B 68 -30.99 -6.10 5.98
CA GLY B 68 -30.91 -7.56 6.07
C GLY B 68 -30.79 -8.25 4.74
N ARG B 69 -30.49 -7.54 3.65
CA ARG B 69 -30.39 -8.10 2.31
C ARG B 69 -28.97 -7.89 1.76
N PHE B 70 -28.28 -8.99 1.41
CA PHE B 70 -26.99 -8.82 0.72
C PHE B 70 -27.24 -8.20 -0.64
N PHE B 71 -26.43 -7.20 -1.01
CA PHE B 71 -26.57 -6.50 -2.29
C PHE B 71 -25.46 -6.89 -3.27
N ARG B 72 -25.82 -7.56 -4.35
CA ARG B 72 -24.91 -7.92 -5.43
C ARG B 72 -23.69 -8.69 -4.95
N LEU B 73 -23.90 -9.61 -4.01
CA LEU B 73 -22.77 -10.34 -3.44
C LEU B 73 -21.97 -11.08 -4.51
N ASP B 74 -22.64 -11.77 -5.42
CA ASP B 74 -21.91 -12.52 -6.42
C ASP B 74 -21.05 -11.61 -7.29
N ASP B 75 -21.53 -10.40 -7.61
CA ASP B 75 -20.69 -9.48 -8.39
C ASP B 75 -19.41 -9.15 -7.64
N HIS B 76 -19.52 -8.95 -6.34
CA HIS B 76 -18.34 -8.63 -5.55
C HIS B 76 -17.39 -9.80 -5.44
N ILE B 77 -17.89 -11.02 -5.26
CA ILE B 77 -16.98 -12.16 -5.20
C ILE B 77 -16.32 -12.40 -6.55
N THR B 78 -17.05 -12.25 -7.64
CA THR B 78 -16.45 -12.35 -8.96
C THR B 78 -15.35 -11.32 -9.18
N ARG B 79 -15.59 -10.09 -8.76
CA ARG B 79 -14.55 -9.05 -8.88
C ARG B 79 -13.34 -9.38 -8.01
N LEU B 80 -13.57 -9.86 -6.78
CA LEU B 80 -12.46 -10.28 -5.93
C LEU B 80 -11.65 -11.37 -6.64
N GLU B 81 -12.32 -12.35 -7.25
CA GLU B 81 -11.56 -13.40 -7.93
C GLU B 81 -10.80 -12.84 -9.14
N ALA B 82 -11.38 -11.91 -9.86
CA ALA B 82 -10.69 -11.29 -10.99
C ALA B 82 -9.49 -10.47 -10.53
N SER B 83 -9.63 -9.78 -9.41
CA SER B 83 -8.49 -9.04 -8.84
C SER B 83 -7.41 -10.01 -8.41
N CYS B 84 -7.80 -11.12 -7.75
CA CYS B 84 -6.80 -12.12 -7.36
C CYS B 84 -6.05 -12.63 -8.58
N THR B 85 -6.77 -12.94 -9.65
CA THR B 85 -6.09 -13.43 -10.87
C THR B 85 -5.08 -12.40 -11.36
N LYS B 86 -5.46 -11.12 -11.38
CA LYS B 86 -4.55 -10.08 -11.87
C LYS B 86 -3.27 -9.99 -11.04
N LEU B 87 -3.36 -10.31 -9.74
CA LEU B 87 -2.18 -10.22 -8.82
C LEU B 87 -1.52 -11.59 -8.64
N ARG B 88 -1.96 -12.61 -9.36
CA ARG B 88 -1.41 -13.99 -9.21
C ARG B 88 -1.70 -14.49 -7.79
N LEU B 89 -2.87 -14.17 -7.27
CA LEU B 89 -3.33 -14.64 -5.94
C LEU B 89 -4.52 -15.56 -6.19
N ARG B 90 -4.79 -16.45 -5.25
CA ARG B 90 -5.98 -17.34 -5.36
C ARG B 90 -6.82 -17.19 -4.09
N LEU B 91 -8.13 -17.05 -4.25
CA LEU B 91 -8.96 -16.97 -3.04
C LEU B 91 -8.70 -18.28 -2.30
N PRO B 92 -8.41 -18.25 -0.99
CA PRO B 92 -8.02 -19.46 -0.23
C PRO B 92 -9.11 -20.54 -0.15
N LEU B 93 -10.37 -20.14 -0.05
CA LEU B 93 -11.47 -21.13 0.09
C LEU B 93 -12.37 -21.11 -1.15
N PRO B 94 -13.11 -22.20 -1.44
CA PRO B 94 -14.06 -22.19 -2.55
C PRO B 94 -15.08 -21.08 -2.36
N ARG B 95 -15.52 -20.48 -3.46
CA ARG B 95 -16.39 -19.31 -3.34
C ARG B 95 -17.72 -19.61 -2.65
N ASP B 96 -18.25 -20.83 -2.82
CA ASP B 96 -19.52 -21.12 -2.15
C ASP B 96 -19.33 -21.23 -0.65
N GLN B 97 -18.20 -21.76 -0.20
CA GLN B 97 -17.92 -21.80 1.23
C GLN B 97 -17.72 -20.39 1.79
N VAL B 98 -17.02 -19.53 1.01
CA VAL B 98 -16.85 -18.13 1.43
C VAL B 98 -18.20 -17.47 1.65
N LYS B 99 -19.13 -17.64 0.70
CA LYS B 99 -20.44 -17.03 0.83
CA LYS B 99 -20.43 -17.02 0.83
C LYS B 99 -21.17 -17.54 2.07
N GLN B 100 -21.08 -18.85 2.32
CA GLN B 100 -21.74 -19.40 3.51
C GLN B 100 -21.14 -18.81 4.79
N ILE B 101 -19.81 -18.66 4.86
CA ILE B 101 -19.21 -18.05 6.03
C ILE B 101 -19.68 -16.60 6.20
N LEU B 102 -19.73 -15.83 5.10
CA LEU B 102 -20.14 -14.42 5.23
C LEU B 102 -21.55 -14.32 5.78
N VAL B 103 -22.47 -15.14 5.26
CA VAL B 103 -23.85 -15.10 5.75
C VAL B 103 -23.90 -15.48 7.21
N GLU B 104 -23.13 -16.50 7.60
CA GLU B 104 -23.07 -16.89 9.01
C GLU B 104 -22.55 -15.75 9.88
N MET B 105 -21.51 -15.04 9.41
CA MET B 105 -20.95 -13.95 10.19
C MET B 105 -21.97 -12.81 10.34
N VAL B 106 -22.64 -12.46 9.24
CA VAL B 106 -23.66 -11.39 9.33
C VAL B 106 -24.73 -11.78 10.33
N ALA B 107 -25.22 -13.02 10.23
CA ALA B 107 -26.28 -13.45 11.15
C ALA B 107 -25.84 -13.37 12.61
N LYS B 108 -24.62 -13.83 12.89
CA LYS B 108 -24.12 -13.81 14.26
C LYS B 108 -23.99 -12.39 14.79
N SER B 109 -23.62 -11.43 13.91
CA SER B 109 -23.47 -10.05 14.35
C SER B 109 -24.81 -9.41 14.67
N GLY B 110 -25.88 -9.86 14.00
CA GLY B 110 -27.17 -9.20 14.06
C GLY B 110 -27.24 -7.89 13.30
N ILE B 111 -26.19 -7.50 12.57
CA ILE B 111 -26.15 -6.23 11.86
C ILE B 111 -26.96 -6.36 10.58
N ARG B 112 -27.95 -5.47 10.41
CA ARG B 112 -28.78 -5.46 9.22
C ARG B 112 -28.25 -4.54 8.12
N ASP B 113 -27.43 -3.55 8.49
CA ASP B 113 -26.84 -2.62 7.51
C ASP B 113 -25.34 -2.67 7.75
N ALA B 114 -24.64 -3.31 6.82
CA ALA B 114 -23.27 -3.75 7.09
C ALA B 114 -22.40 -3.58 5.86
N HIS B 115 -21.10 -3.39 6.14
CA HIS B 115 -20.08 -3.63 5.11
C HIS B 115 -19.36 -4.92 5.42
N VAL B 116 -19.11 -5.70 4.39
CA VAL B 116 -18.54 -7.03 4.55
C VAL B 116 -17.25 -7.06 3.72
N CYS B 117 -16.11 -7.04 4.41
CA CYS B 117 -14.83 -6.88 3.73
C CYS B 117 -14.13 -8.23 3.63
N LEU B 118 -13.64 -8.56 2.44
CA LEU B 118 -12.80 -9.75 2.23
C LEU B 118 -11.44 -9.28 1.72
N ILE B 119 -10.37 -9.80 2.32
CA ILE B 119 -9.00 -9.43 1.95
C ILE B 119 -8.23 -10.69 1.64
N VAL B 120 -7.55 -10.72 0.50
CA VAL B 120 -6.68 -11.85 0.15
C VAL B 120 -5.27 -11.27 0.05
N THR B 121 -4.35 -11.79 0.87
CA THR B 121 -2.96 -11.32 0.84
C THR B 121 -2.02 -12.40 0.32
N ARG B 122 -0.81 -11.99 -0.04
CA ARG B 122 0.18 -12.95 -0.53
C ARG B 122 0.52 -13.99 0.53
N GLY B 123 0.39 -13.67 1.79
CA GLY B 123 0.68 -14.59 2.89
C GLY B 123 1.90 -14.16 3.65
N LEU B 124 2.49 -15.12 4.39
CA LEU B 124 3.63 -14.83 5.26
C LEU B 124 4.96 -14.73 4.52
N LYS B 125 5.02 -15.19 3.28
CA LYS B 125 6.25 -15.20 2.51
C LYS B 125 6.05 -14.37 1.26
N GLY B 126 6.97 -13.45 1.04
CA GLY B 126 6.81 -12.53 -0.07
C GLY B 126 7.22 -13.12 -1.39
N VAL B 127 6.86 -12.37 -2.44
CA VAL B 127 7.22 -12.72 -3.82
C VAL B 127 8.73 -12.82 -3.97
N ARG B 128 9.46 -11.90 -3.35
CA ARG B 128 10.91 -11.91 -3.56
C ARG B 128 11.52 -13.15 -2.92
N GLY B 129 12.25 -13.93 -3.71
CA GLY B 129 13.06 -15.00 -3.17
C GLY B 129 12.36 -16.32 -2.91
N THR B 130 11.11 -16.25 -2.44
CA THR B 130 10.37 -17.46 -2.09
C THR B 130 10.04 -18.29 -3.33
N ARG B 131 10.32 -19.58 -3.23
CA ARG B 131 9.89 -20.53 -4.24
C ARG B 131 8.38 -20.37 -4.45
N PRO B 132 7.94 -20.18 -5.67
CA PRO B 132 6.51 -19.97 -5.93
C PRO B 132 5.59 -21.02 -5.35
N GLU B 133 6.07 -22.26 -5.18
CA GLU B 133 5.26 -23.32 -4.59
C GLU B 133 5.16 -23.17 -3.08
N ASP B 134 6.04 -22.39 -2.47
CA ASP B 134 6.02 -22.15 -1.03
C ASP B 134 5.13 -20.98 -0.63
N ILE B 135 4.50 -20.31 -1.60
CA ILE B 135 3.61 -19.19 -1.29
C ILE B 135 2.25 -19.74 -0.90
N VAL B 136 1.73 -19.30 0.25
CA VAL B 136 0.40 -19.68 0.72
C VAL B 136 -0.34 -18.38 1.01
N ASN B 137 -1.35 -18.07 0.20
CA ASN B 137 -2.07 -16.81 0.37
C ASN B 137 -2.96 -16.85 1.61
N ASN B 138 -3.18 -15.70 2.25
CA ASN B 138 -4.03 -15.60 3.44
C ASN B 138 -5.36 -14.90 3.14
N LEU B 139 -6.40 -15.26 3.89
CA LEU B 139 -7.72 -14.67 3.75
C LEU B 139 -8.14 -14.09 5.08
N TYR B 140 -8.64 -12.83 5.09
CA TYR B 140 -9.24 -12.21 6.26
C TYR B 140 -10.61 -11.70 5.85
N MET B 141 -11.61 -11.84 6.72
CA MET B 141 -12.94 -11.33 6.38
C MET B 141 -13.52 -10.67 7.61
N PHE B 142 -14.34 -9.63 7.40
CA PHE B 142 -15.00 -9.04 8.54
C PHE B 142 -16.31 -8.39 8.13
N VAL B 143 -17.22 -8.31 9.10
CA VAL B 143 -18.49 -7.60 8.96
C VAL B 143 -18.45 -6.45 9.94
N GLN B 144 -18.74 -5.23 9.46
CA GLN B 144 -18.80 -4.07 10.32
C GLN B 144 -20.09 -3.30 10.06
N PRO B 145 -20.57 -2.54 11.04
CA PRO B 145 -21.68 -1.62 10.77
C PRO B 145 -21.39 -0.74 9.55
N TYR B 146 -22.43 -0.54 8.74
CA TYR B 146 -22.33 0.21 7.48
C TYR B 146 -21.60 1.55 7.67
N VAL B 147 -20.60 1.79 6.83
CA VAL B 147 -19.73 2.97 6.82
C VAL B 147 -20.20 3.94 5.75
N TRP B 148 -20.24 5.24 6.11
CA TRP B 148 -20.71 6.30 5.19
C TRP B 148 -19.54 7.17 4.75
N VAL B 149 -19.21 7.13 3.46
CA VAL B 149 -18.28 8.14 2.92
C VAL B 149 -18.92 9.52 2.94
N MET B 150 -20.24 9.59 2.78
CA MET B 150 -21.05 10.79 2.98
C MET B 150 -22.19 10.38 3.90
N GLU B 151 -22.25 10.99 5.07
CA GLU B 151 -23.27 10.67 6.05
C GLU B 151 -24.65 11.04 5.52
N PRO B 152 -25.69 10.41 6.04
CA PRO B 152 -27.06 10.66 5.54
C PRO B 152 -27.44 12.14 5.50
N ASP B 153 -27.18 12.88 6.60
CA ASP B 153 -27.60 14.27 6.60
C ASP B 153 -26.81 15.12 5.61
N MET B 154 -25.56 14.73 5.29
CA MET B 154 -24.88 15.45 4.23
C MET B 154 -25.44 15.08 2.84
N GLN B 155 -25.89 13.84 2.65
CA GLN B 155 -26.49 13.46 1.35
C GLN B 155 -27.75 14.31 1.07
N ARG B 156 -28.43 14.76 2.12
CA ARG B 156 -29.65 15.61 1.97
C ARG B 156 -29.29 16.95 1.30
N VAL B 157 -28.13 17.53 1.63
CA VAL B 157 -27.79 18.88 1.08
C VAL B 157 -26.69 18.82 0.01
N GLY B 158 -25.95 17.72 -0.08
CA GLY B 158 -24.82 17.63 -1.00
C GLY B 158 -23.51 17.98 -0.34
N GLY B 159 -22.42 17.53 -0.94
CA GLY B 159 -21.09 17.80 -0.39
C GLY B 159 -20.26 18.73 -1.25
N SER B 160 -19.12 19.11 -0.73
CA SER B 160 -18.14 19.98 -1.42
C SER B 160 -16.94 19.15 -1.87
N ALA B 161 -16.50 19.41 -3.09
CA ALA B 161 -15.34 18.72 -3.65
C ALA B 161 -14.37 19.73 -4.23
N VAL B 162 -13.13 19.26 -4.42
CA VAL B 162 -12.17 20.00 -5.22
C VAL B 162 -11.54 19.07 -6.24
N VAL B 163 -11.17 19.62 -7.39
CA VAL B 163 -10.26 18.88 -8.28
C VAL B 163 -8.86 19.03 -7.70
N ALA B 164 -8.26 17.91 -7.32
CA ALA B 164 -6.98 17.99 -6.63
C ALA B 164 -5.88 18.53 -7.54
N ARG B 165 -5.08 19.41 -6.96
CA ARG B 165 -3.97 20.04 -7.67
C ARG B 165 -2.62 19.64 -7.11
N THR B 166 -2.55 19.03 -5.94
CA THR B 166 -1.27 18.68 -5.32
C THR B 166 -0.93 17.21 -5.49
N VAL B 167 -1.85 16.43 -6.06
CA VAL B 167 -1.71 14.97 -6.23
C VAL B 167 -2.56 14.60 -7.42
N ARG B 168 -2.20 13.48 -8.06
CA ARG B 168 -2.99 12.87 -9.15
C ARG B 168 -3.07 11.38 -8.89
N ARG B 169 -3.96 10.70 -9.61
CA ARG B 169 -4.17 9.27 -9.36
C ARG B 169 -2.97 8.45 -9.83
N VAL B 170 -2.63 7.40 -9.08
CA VAL B 170 -1.60 6.46 -9.57
C VAL B 170 -2.03 5.95 -10.95
N PRO B 171 -1.18 5.96 -11.99
CA PRO B 171 -1.60 5.52 -13.34
C PRO B 171 -1.63 4.01 -13.45
N PRO B 172 -2.43 3.48 -14.37
CA PRO B 172 -2.63 2.02 -14.47
C PRO B 172 -1.40 1.23 -14.78
N GLY B 173 -0.43 1.80 -15.49
CA GLY B 173 0.84 1.15 -15.77
C GLY B 173 1.79 1.14 -14.60
N ALA B 174 1.41 1.72 -13.46
CA ALA B 174 2.14 1.53 -12.21
C ALA B 174 1.38 0.58 -11.28
N ILE B 175 0.14 0.91 -10.95
CA ILE B 175 -0.74 0.05 -10.16
C ILE B 175 -2.09 0.03 -10.87
N ASP B 176 -2.60 -1.14 -11.15
CA ASP B 176 -3.84 -1.28 -11.93
C ASP B 176 -5.05 -0.94 -11.05
N PRO B 177 -5.76 0.16 -11.33
CA PRO B 177 -6.87 0.57 -10.45
C PRO B 177 -8.11 -0.26 -10.63
N THR B 178 -8.13 -1.19 -11.59
CA THR B 178 -9.24 -2.14 -11.62
C THR B 178 -9.09 -3.23 -10.58
N VAL B 179 -7.93 -3.35 -9.95
CA VAL B 179 -7.71 -4.25 -8.82
C VAL B 179 -7.98 -3.45 -7.58
N1 LLP B 180 -12.96 3.73 -6.31
C2 LLP B 180 -12.16 3.31 -5.36
C2' LLP B 180 -10.70 3.85 -5.33
C3 LLP B 180 -12.60 2.38 -4.44
O3 LLP B 180 -11.75 1.98 -3.42
C4 LLP B 180 -13.90 1.88 -4.44
C4' LLP B 180 -14.40 0.79 -3.38
C5 LLP B 180 -14.72 2.42 -5.38
C6 LLP B 180 -14.30 3.31 -6.33
C5' LLP B 180 -16.22 2.06 -5.45
OP4 LLP B 180 -16.46 0.74 -5.87
P LLP B 180 -17.81 0.01 -5.43
OP1 LLP B 180 -17.83 -0.06 -3.94
OP2 LLP B 180 -18.97 0.82 -5.99
OP3 LLP B 180 -17.70 -1.30 -6.08
N LLP B 180 -9.07 -3.70 -6.87
CA LLP B 180 -9.37 -2.95 -5.66
CB LLP B 180 -10.77 -3.28 -5.13
CG LLP B 180 -11.35 -2.15 -4.28
CD LLP B 180 -12.79 -2.50 -3.86
CE LLP B 180 -13.44 -1.52 -2.84
NZ LLP B 180 -13.29 -0.09 -3.15
C LLP B 180 -8.28 -3.20 -4.66
O LLP B 180 -7.92 -4.34 -4.36
N ASN B 181 -7.64 -2.14 -4.15
CA ASN B 181 -6.40 -2.30 -3.36
C ASN B 181 -6.33 -1.28 -2.27
N LEU B 182 -5.45 -1.50 -1.29
CA LEU B 182 -5.36 -0.68 -0.09
C LEU B 182 -4.15 0.22 -0.14
N GLN B 183 -3.57 0.42 -1.32
CA GLN B 183 -2.39 1.31 -1.47
C GLN B 183 -2.93 2.71 -1.73
N TRP B 184 -3.26 3.39 -0.64
CA TRP B 184 -4.02 4.64 -0.72
C TRP B 184 -3.15 5.88 -0.66
N GLY B 185 -1.87 5.83 -1.04
CA GLY B 185 -1.01 6.99 -0.81
C GLY B 185 -1.53 8.25 -1.48
N ASP B 186 -1.94 8.13 -2.75
CA ASP B 186 -2.50 9.27 -3.50
C ASP B 186 -3.86 9.68 -2.95
N LEU B 187 -4.69 8.71 -2.58
CA LEU B 187 -6.02 9.03 -2.08
C LEU B 187 -5.99 9.73 -0.75
N VAL B 188 -5.10 9.31 0.14
CA VAL B 188 -4.90 10.01 1.42
C VAL B 188 -4.37 11.42 1.18
N ARG B 189 -3.41 11.60 0.28
CA ARG B 189 -2.99 12.96 -0.07
C ARG B 189 -4.16 13.78 -0.55
N GLY B 190 -5.02 13.19 -1.35
CA GLY B 190 -6.21 13.94 -1.82
C GLY B 190 -7.13 14.35 -0.67
N MET B 191 -7.33 13.47 0.30
CA MET B 191 -8.19 13.82 1.43
C MET B 191 -7.58 14.96 2.24
N PHE B 192 -6.27 14.95 2.46
CA PHE B 192 -5.65 16.08 3.16
C PHE B 192 -5.77 17.35 2.34
N GLU B 193 -5.57 17.27 1.02
CA GLU B 193 -5.68 18.48 0.21
C GLU B 193 -7.09 19.05 0.28
N ALA B 194 -8.11 18.20 0.17
CA ALA B 194 -9.48 18.70 0.27
C ALA B 194 -9.68 19.44 1.59
N ALA B 195 -9.24 18.84 2.70
CA ALA B 195 -9.41 19.49 4.01
C ALA B 195 -8.64 20.80 4.07
N ASP B 196 -7.41 20.85 3.55
CA ASP B 196 -6.64 22.08 3.55
C ASP B 196 -7.36 23.16 2.76
N ARG B 197 -8.10 22.80 1.72
CA ARG B 197 -8.83 23.74 0.87
C ARG B 197 -10.27 23.99 1.32
N GLY B 198 -10.66 23.47 2.47
CA GLY B 198 -12.00 23.76 2.98
C GLY B 198 -13.10 22.96 2.34
N ALA B 199 -12.81 21.81 1.73
CA ALA B 199 -13.81 20.94 1.11
C ALA B 199 -13.74 19.56 1.73
N THR B 200 -14.71 18.72 1.42
CA THR B 200 -14.73 17.41 2.03
C THR B 200 -14.10 16.36 1.11
N TYR B 201 -14.33 16.47 -0.20
CA TYR B 201 -13.93 15.37 -1.11
C TYR B 201 -12.94 15.77 -2.19
N PRO B 202 -11.97 14.90 -2.52
CA PRO B 202 -11.04 15.16 -3.61
C PRO B 202 -11.39 14.38 -4.87
N PHE B 203 -11.34 15.06 -6.01
CA PHE B 203 -11.48 14.37 -7.31
C PHE B 203 -10.07 14.37 -7.90
N LEU B 204 -9.56 13.20 -8.27
CA LEU B 204 -8.16 13.11 -8.75
C LEU B 204 -8.14 12.99 -10.26
N THR B 205 -7.25 13.74 -10.88
CA THR B 205 -7.10 13.65 -12.34
C THR B 205 -6.09 12.58 -12.68
N ASP B 206 -5.97 12.24 -13.97
CA ASP B 206 -4.88 11.40 -14.40
C ASP B 206 -3.55 12.26 -14.55
N GLY B 207 -3.55 13.53 -14.16
CA GLY B 207 -2.50 14.50 -14.42
C GLY B 207 -2.46 14.99 -15.85
N ASP B 208 -3.19 14.29 -16.73
CA ASP B 208 -3.20 14.54 -18.17
C ASP B 208 -4.53 15.14 -18.54
N ALA B 209 -5.08 15.98 -17.64
CA ALA B 209 -6.24 16.84 -17.91
C ALA B 209 -7.59 16.10 -18.00
N HIS B 210 -7.64 14.86 -17.48
CA HIS B 210 -8.89 14.09 -17.45
C HIS B 210 -9.15 13.57 -16.05
N LEU B 211 -10.43 13.38 -15.73
CA LEU B 211 -10.81 12.94 -14.39
C LEU B 211 -10.66 11.44 -14.25
N THR B 212 -10.40 11.00 -13.01
CA THR B 212 -10.40 9.57 -12.69
C THR B 212 -11.46 9.29 -11.63
N GLU B 213 -11.05 9.15 -10.36
CA GLU B 213 -11.93 8.81 -9.25
C GLU B 213 -11.41 9.57 -8.04
N GLY B 214 -12.08 9.34 -6.91
CA GLY B 214 -11.67 9.96 -5.66
C GLY B 214 -11.24 8.93 -4.64
N SER B 215 -11.23 9.38 -3.38
CA SER B 215 -10.77 8.57 -2.25
C SER B 215 -11.85 7.58 -1.83
N GLY B 216 -11.98 6.54 -2.64
CA GLY B 216 -12.91 5.47 -2.34
C GLY B 216 -14.25 5.57 -3.05
N PHE B 217 -14.33 6.27 -4.18
CA PHE B 217 -15.60 6.43 -4.87
C PHE B 217 -15.33 6.72 -6.33
N ASN B 218 -16.29 6.39 -7.18
CA ASN B 218 -16.28 6.84 -8.57
C ASN B 218 -16.99 8.19 -8.70
N ILE B 219 -16.75 8.89 -9.82
CA ILE B 219 -17.28 10.24 -10.07
C ILE B 219 -18.19 10.19 -11.29
N VAL B 220 -19.38 10.77 -11.18
CA VAL B 220 -20.32 10.86 -12.30
C VAL B 220 -20.69 12.33 -12.51
N LEU B 221 -20.57 12.80 -13.76
CA LEU B 221 -21.02 14.13 -14.13
C LEU B 221 -22.30 14.01 -14.94
N VAL B 222 -23.20 14.99 -14.82
CA VAL B 222 -24.46 14.99 -15.56
C VAL B 222 -24.46 16.27 -16.38
N LYS B 223 -24.69 16.14 -17.69
CA LYS B 223 -24.78 17.33 -18.52
C LYS B 223 -25.79 17.10 -19.65
N ASP B 224 -26.77 18.02 -19.75
CA ASP B 224 -27.81 17.94 -20.80
C ASP B 224 -28.46 16.57 -20.86
N GLY B 225 -28.76 16.02 -19.69
CA GLY B 225 -29.48 14.78 -19.56
C GLY B 225 -28.68 13.51 -19.76
N VAL B 226 -27.35 13.62 -19.88
CA VAL B 226 -26.46 12.47 -20.13
C VAL B 226 -25.49 12.34 -18.96
N LEU B 227 -25.22 11.10 -18.56
CA LEU B 227 -24.22 10.86 -17.52
C LEU B 227 -22.89 10.55 -18.17
N TYR B 228 -21.82 11.06 -17.56
CA TYR B 228 -20.45 10.86 -18.02
C TYR B 228 -19.64 10.34 -16.85
N THR B 229 -18.86 9.28 -17.09
CA THR B 229 -18.02 8.79 -15.99
C THR B 229 -16.76 8.18 -16.59
N PRO B 230 -15.58 8.40 -15.98
CA PRO B 230 -14.34 7.90 -16.59
C PRO B 230 -14.32 6.40 -16.78
N ASP B 231 -13.70 5.97 -17.90
CA ASP B 231 -13.55 4.55 -18.18
C ASP B 231 -12.21 4.03 -17.64
N ARG B 232 -11.12 4.59 -18.14
CA ARG B 232 -9.76 4.21 -17.77
C ARG B 232 -9.36 4.88 -16.46
N GLY B 233 -8.49 4.22 -15.71
CA GLY B 233 -7.86 4.84 -14.56
C GLY B 233 -8.58 4.71 -13.25
N VAL B 234 -9.63 3.89 -13.19
CA VAL B 234 -10.54 3.84 -12.04
C VAL B 234 -10.98 2.41 -11.75
N LEU B 235 -11.47 2.21 -10.54
CA LEU B 235 -12.15 0.94 -10.22
C LEU B 235 -13.47 0.87 -10.96
N GLN B 236 -13.81 -0.32 -11.48
CA GLN B 236 -15.11 -0.49 -12.15
C GLN B 236 -16.12 -0.83 -11.06
N GLY B 237 -16.65 0.22 -10.43
CA GLY B 237 -17.43 0.05 -9.21
C GLY B 237 -18.73 -0.71 -9.44
N VAL B 238 -19.12 -1.45 -8.41
CA VAL B 238 -20.43 -2.10 -8.44
C VAL B 238 -21.55 -1.07 -8.23
N THR B 239 -21.26 0.01 -7.50
CA THR B 239 -22.23 1.09 -7.41
C THR B 239 -22.38 1.78 -8.74
N ARG B 240 -21.26 2.04 -9.43
CA ARG B 240 -21.32 2.59 -10.76
C ARG B 240 -22.09 1.67 -11.71
N LYS B 241 -21.86 0.37 -11.61
CA LYS B 241 -22.62 -0.58 -12.41
C LYS B 241 -24.12 -0.45 -12.16
N SER B 242 -24.49 -0.26 -10.89
CA SER B 242 -25.88 -0.13 -10.50
C SER B 242 -26.47 1.17 -11.01
N VAL B 243 -25.68 2.25 -11.00
CA VAL B 243 -26.09 3.51 -11.62
C VAL B 243 -26.39 3.27 -13.09
N ILE B 244 -25.50 2.54 -13.79
CA ILE B 244 -25.74 2.25 -15.19
C ILE B 244 -27.03 1.44 -15.38
N ASN B 245 -27.28 0.44 -14.54
CA ASN B 245 -28.50 -0.34 -14.66
C ASN B 245 -29.72 0.57 -14.48
N ALA B 246 -29.70 1.44 -13.46
CA ALA B 246 -30.83 2.33 -13.22
C ALA B 246 -31.02 3.31 -14.37
N ALA B 247 -29.92 3.93 -14.84
CA ALA B 247 -30.04 4.86 -15.93
C ALA B 247 -30.63 4.19 -17.16
N GLU B 248 -30.19 2.98 -17.47
CA GLU B 248 -30.72 2.28 -18.64
C GLU B 248 -32.20 2.01 -18.48
N ALA B 249 -32.62 1.61 -17.28
CA ALA B 249 -34.05 1.38 -17.04
C ALA B 249 -34.85 2.66 -17.23
N PHE B 250 -34.27 3.81 -16.91
CA PHE B 250 -34.95 5.09 -17.02
C PHE B 250 -34.78 5.73 -18.38
N GLY B 251 -34.02 5.12 -19.28
CA GLY B 251 -33.76 5.72 -20.58
C GLY B 251 -32.79 6.88 -20.60
N ILE B 252 -31.86 6.94 -19.63
CA ILE B 252 -30.84 7.99 -19.53
C ILE B 252 -29.54 7.42 -20.08
N GLU B 253 -28.94 8.12 -21.04
CA GLU B 253 -27.68 7.66 -21.63
C GLU B 253 -26.54 7.81 -20.63
N VAL B 254 -25.68 6.80 -20.55
CA VAL B 254 -24.45 6.84 -19.74
C VAL B 254 -23.28 6.63 -20.67
N ARG B 255 -22.34 7.57 -20.65
CA ARG B 255 -21.10 7.48 -21.43
C ARG B 255 -19.95 7.18 -20.48
N VAL B 256 -19.35 6.00 -20.62
CA VAL B 256 -18.20 5.56 -19.81
C VAL B 256 -17.01 5.76 -20.75
N GLU B 257 -16.25 6.83 -20.58
CA GLU B 257 -15.28 7.29 -21.60
C GLU B 257 -14.34 8.28 -20.93
N PHE B 258 -13.40 8.81 -21.70
CA PHE B 258 -12.53 9.84 -21.14
C PHE B 258 -13.35 11.09 -20.85
N VAL B 259 -13.19 11.62 -19.63
CA VAL B 259 -13.96 12.78 -19.15
C VAL B 259 -12.95 13.91 -18.93
N PRO B 260 -12.93 14.92 -19.78
CA PRO B 260 -12.01 16.03 -19.56
C PRO B 260 -12.36 16.79 -18.29
N VAL B 261 -11.30 17.23 -17.58
CA VAL B 261 -11.49 18.03 -16.36
C VAL B 261 -12.44 19.21 -16.59
N GLU B 262 -12.38 19.83 -17.77
CA GLU B 262 -13.22 21.02 -17.99
C GLU B 262 -14.71 20.69 -17.86
N LEU B 263 -15.13 19.46 -18.18
CA LEU B 263 -16.55 19.17 -18.10
C LEU B 263 -17.07 19.30 -16.68
N ALA B 264 -16.23 19.07 -15.68
CA ALA B 264 -16.71 19.20 -14.29
C ALA B 264 -17.10 20.62 -13.94
N TYR B 265 -16.55 21.61 -14.65
CA TYR B 265 -16.84 23.03 -14.36
C TYR B 265 -18.03 23.54 -15.14
N ARG B 266 -18.53 22.75 -16.11
CA ARG B 266 -19.61 23.17 -17.00
C ARG B 266 -20.83 22.26 -16.87
N CYS B 267 -20.86 21.33 -15.95
CA CYS B 267 -21.91 20.33 -15.96
C CYS B 267 -23.11 20.77 -15.09
N ASP B 268 -24.20 19.99 -15.21
CA ASP B 268 -25.45 20.36 -14.56
C ASP B 268 -25.60 19.75 -13.17
N GLU B 269 -25.02 18.58 -12.94
CA GLU B 269 -25.08 17.90 -11.64
C GLU B 269 -23.80 17.09 -11.50
N ILE B 270 -23.43 16.79 -10.28
CA ILE B 270 -22.32 15.86 -9.98
C ILE B 270 -22.74 14.95 -8.85
N PHE B 271 -22.36 13.67 -8.93
CA PHE B 271 -22.46 12.83 -7.75
C PHE B 271 -21.33 11.82 -7.73
N MET B 272 -21.01 11.37 -6.54
CA MET B 272 -20.07 10.28 -6.33
C MET B 272 -20.81 9.01 -6.05
N CYS B 273 -20.17 7.87 -6.26
CA CYS B 273 -20.87 6.63 -5.94
C CYS B 273 -19.89 5.59 -5.41
N THR B 274 -20.33 4.82 -4.40
CA THR B 274 -19.47 3.82 -3.77
C THR B 274 -20.36 2.91 -2.91
N THR B 275 -19.86 1.71 -2.58
CA THR B 275 -20.67 0.86 -1.69
C THR B 275 -20.80 1.45 -0.30
N ALA B 276 -19.76 2.16 0.17
CA ALA B 276 -19.78 2.79 1.49
C ALA B 276 -20.46 4.16 1.40
N GLY B 277 -21.76 4.12 1.15
CA GLY B 277 -22.58 5.32 1.20
C GLY B 277 -23.60 5.41 0.08
N GLY B 278 -23.37 4.76 -1.06
CA GLY B 278 -24.34 4.78 -2.16
C GLY B 278 -24.11 5.96 -3.09
N ILE B 279 -25.14 6.79 -3.26
CA ILE B 279 -25.16 7.86 -4.25
C ILE B 279 -25.03 9.18 -3.47
N MET B 280 -23.97 9.92 -3.76
CA MET B 280 -23.48 11.00 -2.92
C MET B 280 -23.38 12.31 -3.66
N PRO B 281 -24.37 13.18 -3.57
CA PRO B 281 -24.35 14.39 -4.41
C PRO B 281 -23.26 15.35 -4.03
N ILE B 282 -22.69 16.03 -5.06
CA ILE B 282 -21.70 17.09 -4.86
C ILE B 282 -22.31 18.39 -5.39
N THR B 283 -22.45 19.39 -4.53
CA THR B 283 -23.12 20.62 -4.94
C THR B 283 -22.20 21.84 -4.96
N THR B 284 -20.95 21.73 -4.49
CA THR B 284 -19.95 22.77 -4.75
C THR B 284 -18.69 22.10 -5.25
N LEU B 285 -18.04 22.76 -6.21
CA LEU B 285 -16.78 22.25 -6.76
C LEU B 285 -15.80 23.40 -6.81
N ASP B 286 -14.62 23.25 -6.18
CA ASP B 286 -13.63 24.33 -6.11
C ASP B 286 -14.25 25.61 -5.55
N GLY B 287 -15.16 25.45 -4.59
CA GLY B 287 -15.78 26.58 -3.91
C GLY B 287 -16.91 27.24 -4.66
N MET B 288 -17.29 26.72 -5.80
CA MET B 288 -18.35 27.29 -6.61
C MET B 288 -19.57 26.40 -6.64
N PRO B 289 -20.77 26.92 -6.52
CA PRO B 289 -21.95 26.05 -6.60
C PRO B 289 -21.99 25.37 -7.95
N VAL B 290 -22.40 24.09 -7.94
CA VAL B 290 -22.57 23.33 -9.17
C VAL B 290 -23.95 23.66 -9.72
N ASN B 291 -23.98 24.42 -10.82
CA ASN B 291 -25.24 24.75 -11.50
C ASN B 291 -26.33 25.20 -10.53
N GLY B 292 -25.98 26.15 -9.67
CA GLY B 292 -26.94 26.65 -8.70
C GLY B 292 -26.85 26.04 -7.32
N GLY B 293 -26.14 24.92 -7.15
CA GLY B 293 -25.87 24.44 -5.81
C GLY B 293 -26.90 23.55 -5.18
N GLN B 294 -27.94 23.13 -5.91
CA GLN B 294 -28.94 22.22 -5.37
C GLN B 294 -28.75 20.82 -5.95
N ILE B 295 -29.21 19.81 -5.21
CA ILE B 295 -29.14 18.45 -5.75
C ILE B 295 -30.01 18.38 -6.98
N GLY B 296 -29.51 17.79 -8.06
CA GLY B 296 -30.23 17.83 -9.32
C GLY B 296 -31.24 16.70 -9.49
N PRO B 297 -32.10 16.85 -10.51
CA PRO B 297 -33.18 15.88 -10.68
C PRO B 297 -32.72 14.51 -11.11
N ILE B 298 -31.68 14.43 -11.94
CA ILE B 298 -31.23 13.11 -12.36
C ILE B 298 -30.52 12.40 -11.21
N THR B 299 -29.74 13.15 -10.42
CA THR B 299 -29.15 12.58 -9.20
C THR B 299 -30.22 11.97 -8.33
N LYS B 300 -31.32 12.71 -8.13
CA LYS B 300 -32.37 12.19 -7.25
C LYS B 300 -33.02 10.94 -7.84
N LYS B 301 -33.23 10.90 -9.15
CA LYS B 301 -33.81 9.69 -9.76
C LYS B 301 -32.89 8.50 -9.57
N ILE B 302 -31.59 8.70 -9.78
CA ILE B 302 -30.62 7.61 -9.61
C ILE B 302 -30.53 7.18 -8.16
N TRP B 303 -30.58 8.15 -7.24
CA TRP B 303 -30.55 7.87 -5.80
C TRP B 303 -31.67 6.91 -5.44
N ASP B 304 -32.89 7.26 -5.86
CA ASP B 304 -34.06 6.44 -5.52
C ASP B 304 -33.94 5.09 -6.19
N GLY B 305 -33.49 5.06 -7.45
CA GLY B 305 -33.41 3.81 -8.18
C GLY B 305 -32.40 2.86 -7.55
N TYR B 306 -31.25 3.42 -7.10
CA TYR B 306 -30.21 2.60 -6.49
C TYR B 306 -30.75 1.92 -5.25
N TRP B 307 -31.42 2.66 -4.38
CA TRP B 307 -31.93 2.03 -3.17
C TRP B 307 -33.06 1.03 -3.46
N ALA B 308 -33.89 1.30 -4.46
CA ALA B 308 -34.92 0.32 -4.81
C ALA B 308 -34.29 -1.00 -5.23
N MET B 309 -33.13 -0.98 -5.87
CA MET B 309 -32.52 -2.21 -6.35
C MET B 309 -32.12 -3.09 -5.17
N HIS B 310 -32.01 -2.55 -3.96
CA HIS B 310 -31.65 -3.35 -2.80
C HIS B 310 -32.73 -4.33 -2.38
N TYR B 311 -33.95 -4.17 -2.93
CA TYR B 311 -35.09 -5.04 -2.60
C TYR B 311 -35.49 -5.85 -3.80
N ASP B 312 -34.78 -5.74 -4.92
CA ASP B 312 -35.09 -6.48 -6.15
C ASP B 312 -34.31 -7.78 -6.12
N ALA B 313 -35.01 -8.94 -6.24
CA ALA B 313 -34.36 -10.24 -6.18
C ALA B 313 -33.31 -10.40 -7.25
N ALA B 314 -33.38 -9.61 -8.33
CA ALA B 314 -32.32 -9.69 -9.34
C ALA B 314 -30.97 -9.21 -8.84
N TYR B 315 -30.93 -8.45 -7.74
CA TYR B 315 -29.71 -7.81 -7.26
C TYR B 315 -29.44 -8.09 -5.80
N SER B 316 -30.26 -8.90 -5.13
CA SER B 316 -30.17 -8.99 -3.68
C SER B 316 -30.84 -10.25 -3.19
N PHE B 317 -30.54 -10.64 -1.96
CA PHE B 317 -31.24 -11.74 -1.30
C PHE B 317 -31.27 -11.48 0.18
N GLU B 318 -32.32 -12.00 0.83
CA GLU B 318 -32.51 -11.86 2.26
C GLU B 318 -31.69 -12.85 3.08
N ILE B 319 -31.07 -12.36 4.09
CA ILE B 319 -30.33 -13.18 5.05
C ILE B 319 -31.28 -13.66 6.14
N ASP B 320 -31.14 -14.94 6.50
CA ASP B 320 -31.90 -15.48 7.62
C ASP B 320 -31.07 -15.27 8.89
N TYR B 321 -31.53 -14.40 9.76
CA TYR B 321 -30.80 -14.11 10.99
C TYR B 321 -31.16 -15.05 12.14
N ASN B 322 -32.19 -15.88 11.99
CA ASN B 322 -32.66 -16.77 13.07
C ASN B 322 -33.00 -16.08 14.39
#